data_9E2A
#
_entry.id   9E2A
#
_cell.length_a   1.00
_cell.length_b   1.00
_cell.length_c   1.00
_cell.angle_alpha   90.00
_cell.angle_beta   90.00
_cell.angle_gamma   90.00
#
_symmetry.space_group_name_H-M   'P 1'
#
loop_
_entity.id
_entity.type
_entity.pdbx_description
1 polymer 'Guanine nucleotide-binding protein G(s) subunit alpha isoforms short'
2 polymer 'Guanine nucleotide-binding protein G(I)/G(S)/G(T) subunit beta-1'
3 polymer 'Guanine nucleotide-binding protein G(I)/G(S)/G(O) subunit gamma-2'
4 polymer 'Nanobody 35'
5 polymer Glucagon
6 polymer 'Glucagon-like peptide 1 receptor'
#
loop_
_entity_poly.entity_id
_entity_poly.type
_entity_poly.pdbx_seq_one_letter_code
_entity_poly.pdbx_strand_id
1 'polypeptide(L)'
;MGCLGNSKTEDQRNEEKAQREANKKIEKQLQKDKQVYRATHRLLLLGAGESGKNTIVKQMRILHVNGFNGEGGEEDPQAA
RSNSDGEKATKVQDIKNNLKEAIETIVAAMSNLVPPVELANPENQFRVDYILSVMNVPDFDFPPEFYEHAKALWEDEGVR
ACYERSNEYQLIDCAQYFLDKIDVIKQADYVPSDQDLLRCRVLTSGIFETKFQVDKVNFHMFDVGAQRDERRKWIQCFND
VTAIIFVVASSSYNMVIREDNQTNRLQAALKLFDSIWNNKWLRDTSVILFLNKQDLLAEKVLAGKSKIEDYFPEFARYTT
PEDATPEPGEDPRVTRAKYFIRDEFLRISTASGDGRHYCYPHFTCAVDTENIRRVFNDCRDIIQRMHLRQYELL
;
A
2 'polypeptide(L)'
;MHHHHHHGSSGSELDQLRQEAEQLKNQIRDARKACADATLSQITNNIDPVGRIQMRTRRTLRGHLAKIYAMHWGTDSRLL
VSASQDGKLIIWDSYTTNKVHAIPLRSSWVMTCAYAPSGNYVACGGLDNICSIYNLKTREGNVRVSRELAGHTGYLSCCR
FLDDNQIVTSSGDTTCALWDIETGQQTTTFTGHTGDVMSLSLAPDTRLFVSGACDASAKLWDVREGMCRQTFTGHESDIN
AICFFPNGNAFATGSDDATCRLFDLRADQELMTYSHDNIICGITSVSFSKSGRLLLAGYDDFNCNVWDALKADRAGVLAG
HDNRVSCLGVTDDGMAVATGSWDSFLKIWN
;
B
3 'polypeptide(L)' MASNNTASIAQARKLVEQLKMEANIDRIKVSKAAADLMAYCEAHAKEDPLLTPVPASENPFREKKFFCAIL G
4 'polypeptide(L)'
;QVQLQESGGGLVQPGGSLRLSCAASGFTFSNYKMNWVRQAPGKGLEWVSDISQSGASISYTGSVKGRFTISRDNAKNTLY
LQMNSLKPEDTAVYYCARCPAPFTRDCFDVTSTTYAYRGQGTQVTVSSHHHHHHEPEA
;
N
5 'polypeptide(L)' HAEGTFTSDVSSYLEGQAAKEFIAWLVKGR P
6 'polypeptide(L)'
;MKTIIALSYIFCLVFADYKDDDDLEVLFQGPARPQGATVSLWETVQKWREYRRQCQRSLTEDPPPATDLFCNRTFDEYAC
WPDGEPGSFVNVSCPWYLPWASSVPQGHVYRFCTAEGLWLQKDNSSLPWRDLSECEESKRGERSSPEEQLLFLYIIYTVG
YALSFSALVIASAILLGFRHLHCTRNYIHLNLFASFILRALSVFIKDAALKWMYSTAAQQHQWDGLLSYQDSLSCRLVFL
LMQYCVAANYYWLLVEGVYLYTLLAFSVFSEQWIFRLYVSIGWGVPLLFVVPWGIVKYLYEDEGCWTRNSNMNYWLIIRL
PILFTIGVNFLIFVRVICIVVSKLKANLMCKTDIKCRLAKSTLTLIPLLGTHEVIFAFVMDEHARGTLRFIKLFTELSFT
SFQGLMVAILYCFVNNEVQLEFRKSWERWRLEHLHIQRDSSMKPLKCPTSSLSSGATAGSSMYTATCQASCSPAGLEVLF
QGPHHHHHHHH
;
R
#
# COMPACT_ATOMS: atom_id res chain seq x y z
N ASP A 11 -1.66 38.05 22.84
CA ASP A 11 -2.09 36.94 23.66
C ASP A 11 -1.71 35.60 23.04
N GLN A 12 -1.91 34.52 23.80
CA GLN A 12 -1.61 33.18 23.30
C GLN A 12 -2.52 32.81 22.13
N ARG A 13 -3.79 33.23 22.20
CA ARG A 13 -4.75 32.88 21.16
C ARG A 13 -4.34 33.48 19.81
N ASN A 14 -3.83 34.72 19.81
CA ASN A 14 -3.42 35.35 18.56
C ASN A 14 -2.26 34.59 17.92
N GLU A 15 -1.26 34.22 18.72
CA GLU A 15 -0.13 33.46 18.19
C GLU A 15 -0.57 32.09 17.70
N GLU A 16 -1.49 31.45 18.43
CA GLU A 16 -2.01 30.16 17.99
C GLU A 16 -2.72 30.29 16.65
N LYS A 17 -3.56 31.32 16.50
CA LYS A 17 -4.28 31.51 15.24
C LYS A 17 -3.31 31.80 14.10
N ALA A 18 -2.25 32.58 14.37
CA ALA A 18 -1.23 32.80 13.35
C ALA A 18 -0.56 31.50 12.95
N GLN A 19 -0.29 30.62 13.92
CA GLN A 19 0.32 29.34 13.61
C GLN A 19 -0.61 28.49 12.75
N ARG A 20 -1.92 28.48 13.07
CA ARG A 20 -2.86 27.73 12.23
C ARG A 20 -2.92 28.31 10.82
N GLU A 21 -2.87 29.64 10.69
CA GLU A 21 -2.87 30.25 9.37
C GLU A 21 -1.64 29.86 8.57
N ALA A 22 -0.47 29.87 9.21
CA ALA A 22 0.75 29.44 8.54
C ALA A 22 0.66 27.98 8.12
N ASN A 23 0.10 27.13 8.99
CA ASN A 23 -0.08 25.73 8.64
C ASN A 23 -1.00 25.57 7.45
N LYS A 24 -2.08 26.35 7.38
CA LYS A 24 -2.99 26.26 6.24
C LYS A 24 -2.30 26.71 4.96
N LYS A 25 -1.50 27.77 5.02
CA LYS A 25 -0.75 28.20 3.85
C LYS A 25 0.20 27.11 3.37
N ILE A 26 0.94 26.50 4.29
CA ILE A 26 1.87 25.44 3.93
C ILE A 26 1.14 24.23 3.37
N GLU A 27 -0.01 23.87 3.97
CA GLU A 27 -0.79 22.75 3.48
C GLU A 27 -1.31 23.01 2.08
N LYS A 28 -1.76 24.23 1.81
CA LYS A 28 -2.20 24.59 0.47
C LYS A 28 -1.08 24.49 -0.53
N GLN A 29 0.13 24.93 -0.17
CA GLN A 29 1.26 24.78 -1.09
C GLN A 29 1.63 23.32 -1.31
N LEU A 30 1.60 22.50 -0.27
CA LEU A 30 1.96 21.09 -0.41
C LEU A 30 0.92 20.34 -1.24
N GLN A 31 -0.35 20.74 -1.14
CA GLN A 31 -1.38 20.13 -1.99
C GLN A 31 -1.10 20.40 -3.46
N LYS A 32 -0.66 21.62 -3.79
CA LYS A 32 -0.30 21.93 -5.17
C LYS A 32 0.95 21.16 -5.60
N ASP A 33 1.92 21.02 -4.69
CA ASP A 33 3.14 20.29 -5.04
C ASP A 33 2.89 18.79 -5.16
N LYS A 34 1.83 18.28 -4.54
CA LYS A 34 1.53 16.86 -4.63
C LYS A 34 1.09 16.46 -6.03
N GLN A 35 0.39 17.35 -6.74
CA GLN A 35 -0.13 17.03 -8.06
C GLN A 35 0.97 16.93 -9.12
N VAL A 36 2.19 17.35 -8.82
CA VAL A 36 3.30 17.23 -9.74
C VAL A 36 4.15 16.00 -9.43
N TYR A 37 4.40 15.73 -8.15
CA TYR A 37 5.15 14.53 -7.77
C TYR A 37 4.41 13.26 -8.18
N ARG A 38 3.08 13.27 -8.08
CA ARG A 38 2.30 12.09 -8.44
C ARG A 38 2.21 11.92 -9.96
N ALA A 39 2.29 13.01 -10.71
CA ALA A 39 2.12 12.97 -12.16
C ALA A 39 3.43 12.83 -12.92
N THR A 40 4.56 12.69 -12.23
CA THR A 40 5.86 12.55 -12.86
C THR A 40 6.47 11.21 -12.46
N HIS A 41 6.99 10.49 -13.45
CA HIS A 41 7.58 9.17 -13.25
C HIS A 41 9.08 9.30 -13.05
N ARG A 42 9.61 8.65 -12.02
CA ARG A 42 11.03 8.68 -11.71
C ARG A 42 11.68 7.41 -12.23
N LEU A 43 12.75 7.56 -13.01
CA LEU A 43 13.44 6.46 -13.63
C LEU A 43 14.91 6.48 -13.25
N LEU A 44 15.44 5.34 -12.84
CA LEU A 44 16.85 5.20 -12.46
C LEU A 44 17.59 4.53 -13.60
N LEU A 45 18.53 5.25 -14.20
CA LEU A 45 19.39 4.68 -15.23
C LEU A 45 20.60 4.05 -14.57
N LEU A 46 20.84 2.77 -14.86
CA LEU A 46 21.94 2.03 -14.27
C LEU A 46 22.83 1.47 -15.38
N GLY A 47 23.82 0.67 -14.97
CA GLY A 47 24.77 0.08 -15.87
C GLY A 47 26.19 0.41 -15.49
N ALA A 48 27.12 -0.05 -16.32
CA ALA A 48 28.54 0.21 -16.13
C ALA A 48 29.01 1.28 -17.10
N GLY A 49 30.31 1.59 -17.01
CA GLY A 49 30.87 2.60 -17.91
C GLY A 49 30.86 2.17 -19.37
N GLU A 50 31.16 0.90 -19.62
CA GLU A 50 31.20 0.38 -20.98
C GLU A 50 29.81 0.15 -21.58
N SER A 51 28.76 0.29 -20.77
CA SER A 51 27.40 -0.03 -21.22
C SER A 51 26.89 0.94 -22.27
N GLY A 52 27.51 2.11 -22.43
CA GLY A 52 26.98 3.11 -23.32
C GLY A 52 25.82 3.90 -22.77
N LYS A 53 25.60 3.87 -21.45
CA LYS A 53 24.51 4.62 -20.85
C LYS A 53 24.70 6.12 -21.03
N ASN A 54 25.96 6.57 -21.17
CA ASN A 54 26.20 7.98 -21.44
C ASN A 54 25.63 8.38 -22.80
N THR A 55 25.78 7.52 -23.81
CA THR A 55 25.17 7.79 -25.11
C THR A 55 23.64 7.83 -25.00
N ILE A 56 23.06 6.97 -24.17
CA ILE A 56 21.62 7.01 -23.94
C ILE A 56 21.21 8.33 -23.29
N VAL A 57 22.01 8.81 -22.34
CA VAL A 57 21.75 10.10 -21.72
C VAL A 57 21.78 11.20 -22.77
N LYS A 58 22.78 11.18 -23.65
CA LYS A 58 22.84 12.16 -24.72
C LYS A 58 21.63 12.05 -25.65
N GLN A 59 21.17 10.83 -25.90
CA GLN A 59 19.99 10.64 -26.75
C GLN A 59 18.76 11.29 -26.13
N MET A 60 18.56 11.11 -24.83
CA MET A 60 17.45 11.81 -24.16
C MET A 60 17.66 13.32 -24.17
N ARG A 61 18.90 13.78 -23.99
CA ARG A 61 19.15 15.21 -23.90
C ARG A 61 18.91 15.93 -25.22
N ILE A 62 19.36 15.33 -26.33
CA ILE A 62 19.26 16.02 -27.62
C ILE A 62 17.80 16.16 -28.06
N LEU A 63 16.97 15.16 -27.76
CA LEU A 63 15.57 15.24 -28.13
C LEU A 63 14.80 16.26 -27.30
N HIS A 64 15.35 16.67 -26.16
CA HIS A 64 14.69 17.67 -25.33
C HIS A 64 15.69 18.72 -24.84
N THR A 204 30.66 16.93 -11.87
CA THR A 204 31.27 16.38 -10.66
C THR A 204 30.22 16.13 -9.58
N SER A 205 28.97 16.41 -9.90
CA SER A 205 27.89 16.23 -8.95
C SER A 205 27.62 14.74 -8.70
N GLY A 206 27.08 14.45 -7.52
CA GLY A 206 26.86 13.07 -7.12
C GLY A 206 25.73 12.39 -7.86
N ILE A 207 24.80 13.14 -8.41
CA ILE A 207 23.67 12.56 -9.15
C ILE A 207 23.21 13.58 -10.18
N PHE A 208 22.88 13.09 -11.36
CA PHE A 208 22.43 13.93 -12.46
C PHE A 208 20.97 13.63 -12.78
N GLU A 209 20.22 14.68 -13.09
CA GLU A 209 18.80 14.57 -13.40
C GLU A 209 18.56 15.00 -14.83
N THR A 210 17.94 14.12 -15.62
CA THR A 210 17.54 14.43 -16.99
C THR A 210 16.04 14.24 -17.09
N LYS A 211 15.34 15.28 -17.55
CA LYS A 211 13.90 15.28 -17.64
C LYS A 211 13.49 15.33 -19.11
N PHE A 212 12.69 14.35 -19.53
CA PHE A 212 12.17 14.30 -20.88
C PHE A 212 10.69 13.94 -20.82
N GLN A 213 9.95 14.35 -21.84
CA GLN A 213 8.52 14.09 -21.91
C GLN A 213 8.18 13.36 -23.21
N VAL A 214 7.30 12.37 -23.11
CA VAL A 214 6.83 11.59 -24.25
C VAL A 214 5.31 11.68 -24.27
N ASP A 215 4.76 12.23 -25.35
CA ASP A 215 3.31 12.40 -25.50
C ASP A 215 2.71 13.13 -24.30
N LYS A 216 3.33 14.24 -23.93
CA LYS A 216 2.89 15.09 -22.83
C LYS A 216 2.87 14.37 -21.49
N VAL A 217 3.73 13.36 -21.32
CA VAL A 217 3.93 12.68 -20.04
C VAL A 217 5.38 12.89 -19.63
N ASN A 218 5.58 13.42 -18.44
CA ASN A 218 6.91 13.81 -17.99
C ASN A 218 7.62 12.65 -17.29
N PHE A 219 8.88 12.44 -17.64
CA PHE A 219 9.71 11.39 -17.04
C PHE A 219 10.93 12.02 -16.42
N HIS A 220 11.40 11.44 -15.32
CA HIS A 220 12.55 11.93 -14.58
C HIS A 220 13.61 10.84 -14.55
N MET A 221 14.76 11.13 -15.16
CA MET A 221 15.85 10.16 -15.26
C MET A 221 16.99 10.56 -14.33
N PHE A 222 17.40 9.65 -13.46
CA PHE A 222 18.46 9.90 -12.50
C PHE A 222 19.68 9.07 -12.87
N ASP A 223 20.81 9.73 -13.06
CA ASP A 223 22.06 9.10 -13.43
C ASP A 223 23.11 9.38 -12.36
N VAL A 224 23.73 8.32 -11.85
CA VAL A 224 24.74 8.44 -10.80
C VAL A 224 26.08 8.77 -11.43
N GLY A 225 26.75 9.80 -10.91
CA GLY A 225 28.00 10.25 -11.49
C GLY A 225 29.21 10.22 -10.59
N ALA A 226 29.02 10.34 -9.27
CA ALA A 226 30.16 10.47 -8.38
C ALA A 226 30.19 9.46 -7.24
N GLN A 227 29.18 8.60 -7.13
CA GLN A 227 29.16 7.63 -6.03
C GLN A 227 30.20 6.54 -6.25
N ARG A 228 30.55 5.86 -5.17
CA ARG A 228 31.51 4.77 -5.24
C ARG A 228 30.86 3.52 -5.84
N ASP A 229 31.65 2.46 -5.92
CA ASP A 229 31.19 1.20 -6.50
C ASP A 229 30.41 0.33 -5.53
N GLU A 230 30.38 0.67 -4.25
CA GLU A 230 29.63 -0.10 -3.26
C GLU A 230 28.20 0.42 -3.23
N ARG A 231 27.29 -0.30 -3.88
CA ARG A 231 25.92 0.16 -4.11
C ARG A 231 24.94 -0.30 -3.06
N ARG A 232 25.34 -1.14 -2.11
CA ARG A 232 24.35 -1.78 -1.25
C ARG A 232 23.63 -0.82 -0.32
N LYS A 233 24.10 0.42 -0.20
CA LYS A 233 23.53 1.37 0.75
C LYS A 233 22.79 2.53 0.10
N TRP A 234 23.28 3.06 -1.02
CA TRP A 234 22.53 4.13 -1.69
C TRP A 234 21.52 3.60 -2.69
N ILE A 235 21.50 2.30 -2.97
CA ILE A 235 20.50 1.75 -3.87
C ILE A 235 19.14 1.61 -3.18
N GLN A 236 19.11 1.65 -1.86
CA GLN A 236 17.85 1.57 -1.12
C GLN A 236 16.99 2.81 -1.32
N CYS A 237 17.59 3.93 -1.71
CA CYS A 237 16.83 5.15 -1.95
C CYS A 237 15.92 5.03 -3.17
N PHE A 238 16.22 4.12 -4.08
CA PHE A 238 15.47 3.95 -5.33
C PHE A 238 14.50 2.79 -5.25
N ASN A 239 13.89 2.55 -4.09
CA ASN A 239 12.93 1.49 -3.92
C ASN A 239 11.50 1.91 -4.28
N ASP A 240 11.30 3.18 -4.64
CA ASP A 240 9.98 3.69 -5.01
C ASP A 240 9.98 4.29 -6.41
N VAL A 241 11.03 4.04 -7.21
CA VAL A 241 11.04 4.56 -8.56
C VAL A 241 10.07 3.78 -9.43
N THR A 242 9.72 4.38 -10.58
CA THR A 242 8.81 3.71 -11.51
C THR A 242 9.43 2.42 -12.04
N ALA A 243 10.66 2.50 -12.55
CA ALA A 243 11.30 1.34 -13.17
C ALA A 243 12.79 1.63 -13.30
N ILE A 244 13.61 0.72 -12.79
CA ILE A 244 15.05 0.81 -12.96
C ILE A 244 15.39 0.43 -14.40
N ILE A 245 16.11 1.31 -15.09
CA ILE A 245 16.54 1.04 -16.46
C ILE A 245 17.95 0.48 -16.40
N PHE A 246 18.13 -0.75 -16.84
CA PHE A 246 19.41 -1.43 -16.80
C PHE A 246 19.98 -1.52 -18.20
N VAL A 247 21.23 -1.09 -18.37
CA VAL A 247 21.93 -1.14 -19.64
C VAL A 247 23.12 -2.08 -19.47
N VAL A 248 23.11 -3.14 -20.29
CA VAL A 248 24.17 -4.18 -20.20
C VAL A 248 25.24 -3.92 -21.25
N ALA A 249 26.50 -4.04 -20.88
CA ALA A 249 27.64 -3.83 -21.78
C ALA A 249 27.93 -5.13 -22.53
N SER A 250 27.06 -5.43 -23.50
CA SER A 250 27.22 -6.62 -24.32
C SER A 250 28.44 -6.48 -25.23
N SER A 251 29.12 -7.59 -25.46
CA SER A 251 30.25 -7.65 -26.39
C SER A 251 31.35 -6.65 -26.05
N SER A 252 31.58 -6.43 -24.75
CA SER A 252 32.64 -5.56 -24.28
C SER A 252 33.74 -6.35 -23.56
N TYR A 253 33.99 -7.58 -24.02
CA TYR A 253 34.93 -8.47 -23.36
C TYR A 253 35.38 -9.52 -24.37
N ASN A 254 36.41 -10.27 -23.98
CA ASN A 254 36.95 -11.36 -24.80
C ASN A 254 37.38 -10.88 -26.18
N GLN A 262 37.45 -5.88 -16.63
CA GLN A 262 36.77 -7.08 -16.17
C GLN A 262 37.04 -8.26 -17.08
N THR A 263 37.25 -9.43 -16.49
CA THR A 263 37.43 -10.65 -17.28
C THR A 263 36.16 -10.99 -18.05
N ASN A 264 35.01 -10.87 -17.40
CA ASN A 264 33.71 -11.19 -18.00
C ASN A 264 32.74 -10.09 -17.60
N ARG A 265 32.57 -9.10 -18.47
CA ARG A 265 31.65 -8.00 -18.18
C ARG A 265 30.21 -8.49 -18.08
N LEU A 266 29.82 -9.41 -18.96
CA LEU A 266 28.44 -9.87 -18.97
C LEU A 266 28.09 -10.62 -17.69
N GLN A 267 29.02 -11.43 -17.17
CA GLN A 267 28.78 -12.12 -15.92
C GLN A 267 28.63 -11.14 -14.76
N ALA A 268 29.44 -10.08 -14.75
CA ALA A 268 29.30 -9.06 -13.72
C ALA A 268 27.94 -8.36 -13.81
N ALA A 269 27.50 -8.05 -15.04
CA ALA A 269 26.18 -7.46 -15.20
C ALA A 269 25.09 -8.41 -14.75
N LEU A 270 25.24 -9.70 -15.03
CA LEU A 270 24.25 -10.69 -14.60
C LEU A 270 24.18 -10.76 -13.08
N LYS A 271 25.34 -10.74 -12.42
CA LYS A 271 25.35 -10.79 -10.95
C LYS A 271 24.74 -9.53 -10.36
N LEU A 272 25.04 -8.36 -10.94
CA LEU A 272 24.44 -7.12 -10.45
C LEU A 272 22.93 -7.14 -10.61
N PHE A 273 22.44 -7.61 -11.77
CA PHE A 273 21.00 -7.68 -11.97
C PHE A 273 20.34 -8.66 -11.02
N ASP A 274 21.00 -9.79 -10.76
CA ASP A 274 20.46 -10.75 -9.80
C ASP A 274 20.37 -10.15 -8.41
N SER A 275 21.41 -9.42 -7.99
CA SER A 275 21.39 -8.78 -6.68
C SER A 275 20.29 -7.74 -6.60
N ILE A 276 20.08 -6.99 -7.67
CA ILE A 276 18.97 -6.03 -7.71
C ILE A 276 17.64 -6.77 -7.59
N TRP A 277 17.48 -7.85 -8.34
CA TRP A 277 16.22 -8.58 -8.38
C TRP A 277 15.88 -9.15 -7.01
N ASN A 278 16.87 -9.69 -6.30
CA ASN A 278 16.63 -10.36 -5.04
C ASN A 278 16.71 -9.45 -3.83
N ASN A 279 16.91 -8.15 -4.00
CA ASN A 279 16.97 -7.24 -2.88
C ASN A 279 15.58 -7.06 -2.27
N LYS A 280 15.50 -7.11 -0.94
CA LYS A 280 14.19 -7.12 -0.28
C LYS A 280 13.53 -5.75 -0.28
N TRP A 281 14.27 -4.68 -0.56
CA TRP A 281 13.68 -3.36 -0.71
C TRP A 281 13.34 -3.04 -2.15
N LEU A 282 14.13 -3.55 -3.10
CA LEU A 282 13.84 -3.41 -4.52
C LEU A 282 13.06 -4.58 -5.07
N ARG A 283 12.33 -5.31 -4.23
CA ARG A 283 11.59 -6.48 -4.67
C ARG A 283 10.26 -6.14 -5.34
N ASP A 284 9.77 -4.92 -5.18
CA ASP A 284 8.55 -4.48 -5.86
C ASP A 284 8.85 -3.51 -7.00
N THR A 285 10.12 -3.32 -7.34
CA THR A 285 10.54 -2.37 -8.37
C THR A 285 10.89 -3.14 -9.65
N SER A 286 10.26 -2.73 -10.75
CA SER A 286 10.51 -3.40 -12.01
C SER A 286 11.82 -2.90 -12.63
N VAL A 287 12.40 -3.71 -13.50
CA VAL A 287 13.72 -3.46 -14.08
C VAL A 287 13.59 -3.58 -15.59
N ILE A 288 13.45 -2.43 -16.27
CA ILE A 288 13.54 -2.43 -17.72
C ILE A 288 14.98 -2.72 -18.12
N LEU A 289 15.15 -3.57 -19.14
CA LEU A 289 16.51 -3.96 -19.59
C LEU A 289 16.69 -3.63 -21.07
N PHE A 290 17.55 -2.66 -21.38
CA PHE A 290 17.84 -2.31 -22.80
C PHE A 290 19.20 -2.88 -23.19
N LEU A 291 19.22 -3.87 -24.08
CA LEU A 291 20.51 -4.42 -24.57
C LEU A 291 21.07 -3.44 -25.61
N ASN A 292 21.70 -2.36 -25.15
CA ASN A 292 22.21 -1.31 -26.08
C ASN A 292 23.25 -1.89 -27.04
N LYS A 293 23.95 -2.96 -26.65
CA LYS A 293 25.03 -3.51 -27.50
C LYS A 293 24.52 -4.70 -28.33
N GLN A 294 24.18 -4.48 -29.60
CA GLN A 294 23.74 -5.58 -30.49
C GLN A 294 24.48 -5.41 -31.83
N ASP A 295 24.48 -4.20 -32.39
CA ASP A 295 25.19 -3.93 -33.64
C ASP A 295 26.66 -4.31 -33.53
N LEU A 296 27.29 -3.98 -32.39
CA LEU A 296 28.67 -4.41 -32.18
C LEU A 296 28.75 -5.91 -31.93
N LEU A 297 27.70 -6.49 -31.34
CA LEU A 297 27.68 -7.93 -31.13
C LEU A 297 27.73 -8.68 -32.45
N ALA A 298 27.01 -8.20 -33.46
CA ALA A 298 27.03 -8.84 -34.76
C ALA A 298 28.44 -8.86 -35.34
N GLU A 299 29.12 -7.70 -35.30
CA GLU A 299 30.47 -7.62 -35.85
C GLU A 299 31.43 -8.50 -35.07
N LYS A 300 31.30 -8.54 -33.74
CA LYS A 300 32.25 -9.28 -32.92
C LYS A 300 31.98 -10.78 -32.91
N VAL A 301 30.79 -11.22 -33.32
CA VAL A 301 30.46 -12.64 -33.34
C VAL A 301 30.60 -13.23 -34.74
N LEU A 302 30.41 -12.41 -35.78
CA LEU A 302 30.61 -12.91 -37.14
C LEU A 302 32.08 -13.19 -37.41
N ALA A 303 32.97 -12.33 -36.91
CA ALA A 303 34.41 -12.57 -37.03
C ALA A 303 34.94 -13.52 -35.99
N GLY A 304 34.13 -13.91 -35.00
CA GLY A 304 34.56 -14.81 -33.96
C GLY A 304 35.36 -14.19 -32.85
N LYS A 305 35.48 -12.85 -32.81
CA LYS A 305 36.27 -12.22 -31.76
C LYS A 305 35.57 -12.26 -30.41
N SER A 306 34.24 -12.11 -30.41
CA SER A 306 33.50 -12.16 -29.16
C SER A 306 33.64 -13.53 -28.49
N LYS A 307 33.53 -14.60 -29.27
CA LYS A 307 33.84 -15.95 -28.85
C LYS A 307 33.13 -16.29 -27.53
N ILE A 308 31.79 -16.33 -27.61
CA ILE A 308 30.99 -16.46 -26.41
C ILE A 308 31.04 -17.85 -25.78
N GLU A 309 31.15 -18.91 -26.59
CA GLU A 309 30.93 -20.26 -26.08
C GLU A 309 31.95 -20.65 -25.02
N ASP A 310 33.16 -20.09 -25.09
CA ASP A 310 34.17 -20.42 -24.10
C ASP A 310 33.77 -19.90 -22.71
N TYR A 311 33.24 -18.69 -22.65
CA TYR A 311 32.79 -18.13 -21.39
C TYR A 311 31.57 -18.87 -20.86
N PHE A 312 30.56 -19.07 -21.72
CA PHE A 312 29.33 -19.74 -21.31
C PHE A 312 29.25 -21.12 -21.96
N PRO A 313 29.44 -22.20 -21.19
CA PRO A 313 29.30 -23.54 -21.78
C PRO A 313 27.90 -23.84 -22.29
N GLU A 314 26.89 -23.10 -21.83
CA GLU A 314 25.52 -23.34 -22.29
C GLU A 314 25.33 -23.04 -23.77
N PHE A 315 26.27 -22.33 -24.38
CA PHE A 315 26.16 -22.01 -25.81
C PHE A 315 26.43 -23.21 -26.70
N ALA A 316 26.93 -24.31 -26.15
CA ALA A 316 27.16 -25.52 -26.94
C ALA A 316 25.92 -26.39 -27.09
N ARG A 317 24.83 -26.07 -26.40
CA ARG A 317 23.60 -26.84 -26.50
C ARG A 317 22.35 -25.99 -26.58
N TYR A 318 22.46 -24.66 -26.54
CA TYR A 318 21.29 -23.80 -26.57
C TYR A 318 20.71 -23.74 -27.98
N THR A 319 19.39 -23.91 -28.08
CA THR A 319 18.69 -23.88 -29.35
C THR A 319 17.75 -22.68 -29.38
N THR A 320 17.73 -21.98 -30.51
CA THR A 320 16.94 -20.77 -30.63
C THR A 320 15.47 -21.07 -30.38
N PRO A 321 14.78 -20.29 -29.54
CA PRO A 321 13.39 -20.61 -29.21
C PRO A 321 12.46 -20.36 -30.38
N GLU A 322 11.27 -20.96 -30.28
CA GLU A 322 10.27 -20.85 -31.34
C GLU A 322 9.81 -19.41 -31.52
N ASP A 323 9.59 -18.70 -30.41
CA ASP A 323 9.09 -17.33 -30.47
C ASP A 323 10.09 -16.34 -31.04
N ALA A 324 11.35 -16.74 -31.19
CA ALA A 324 12.38 -15.82 -31.67
C ALA A 324 12.11 -15.43 -33.13
N THR A 325 12.34 -14.16 -33.44
CA THR A 325 12.22 -13.65 -34.80
C THR A 325 13.42 -12.77 -35.11
N PRO A 326 14.29 -13.18 -36.03
CA PRO A 326 15.45 -12.35 -36.38
C PRO A 326 15.03 -11.13 -37.18
N GLU A 327 15.87 -10.10 -37.10
CA GLU A 327 15.67 -8.92 -37.93
C GLU A 327 15.97 -9.26 -39.39
N PRO A 328 15.41 -8.50 -40.34
CA PRO A 328 15.63 -8.81 -41.76
C PRO A 328 17.10 -8.83 -42.15
N GLY A 329 17.58 -9.98 -42.63
CA GLY A 329 18.95 -10.15 -43.02
C GLY A 329 19.91 -10.50 -41.90
N GLU A 330 19.42 -10.68 -40.68
CA GLU A 330 20.30 -10.98 -39.55
C GLU A 330 20.81 -12.41 -39.63
N ASP A 331 22.10 -12.57 -39.36
CA ASP A 331 22.73 -13.89 -39.43
C ASP A 331 22.20 -14.79 -38.32
N PRO A 332 22.09 -16.09 -38.55
CA PRO A 332 21.61 -16.98 -37.47
C PRO A 332 22.49 -16.97 -36.23
N ARG A 333 23.81 -16.84 -36.38
CA ARG A 333 24.69 -16.92 -35.22
C ARG A 333 24.53 -15.72 -34.30
N VAL A 334 24.49 -14.51 -34.87
CA VAL A 334 24.32 -13.31 -34.04
C VAL A 334 22.96 -13.33 -33.36
N THR A 335 21.93 -13.76 -34.09
CA THR A 335 20.60 -13.86 -33.48
C THR A 335 20.59 -14.87 -32.33
N ARG A 336 21.28 -16.00 -32.51
CA ARG A 336 21.36 -17.00 -31.46
C ARG A 336 22.07 -16.46 -30.23
N ALA A 337 23.19 -15.76 -30.43
CA ALA A 337 23.91 -15.20 -29.30
C ALA A 337 23.10 -14.11 -28.60
N LYS A 338 22.43 -13.27 -29.38
CA LYS A 338 21.58 -12.21 -28.85
C LYS A 338 20.46 -12.77 -27.99
N TYR A 339 19.77 -13.80 -28.49
CA TYR A 339 18.68 -14.38 -27.73
C TYR A 339 19.19 -15.19 -26.53
N PHE A 340 20.41 -15.74 -26.62
CA PHE A 340 21.00 -16.38 -25.45
C PHE A 340 21.30 -15.37 -24.35
N ILE A 341 21.88 -14.23 -24.74
CA ILE A 341 22.20 -13.16 -23.75
C ILE A 341 20.91 -12.79 -23.02
N ARG A 342 19.83 -12.56 -23.77
CA ARG A 342 18.52 -12.21 -23.16
C ARG A 342 18.05 -13.37 -22.28
N ASP A 343 18.10 -14.61 -22.80
CA ASP A 343 17.57 -15.73 -22.03
C ASP A 343 18.28 -15.90 -20.70
N GLU A 344 19.54 -15.46 -20.60
CA GLU A 344 20.23 -15.51 -19.30
C GLU A 344 19.53 -14.61 -18.29
N PHE A 345 19.27 -13.36 -18.70
CA PHE A 345 18.57 -12.41 -17.81
C PHE A 345 17.15 -12.92 -17.53
N LEU A 346 16.50 -13.51 -18.55
CA LEU A 346 15.17 -14.08 -18.33
C LEU A 346 15.21 -15.21 -17.30
N ARG A 347 16.24 -16.05 -17.37
CA ARG A 347 16.38 -17.13 -16.40
C ARG A 347 16.56 -16.58 -14.99
N ILE A 348 17.34 -15.51 -14.85
CA ILE A 348 17.47 -14.89 -13.53
C ILE A 348 16.14 -14.30 -13.08
N SER A 349 15.43 -13.62 -13.97
CA SER A 349 14.22 -12.90 -13.59
C SER A 349 13.01 -13.81 -13.39
N THR A 350 12.96 -14.97 -14.04
CA THR A 350 11.79 -15.83 -13.92
C THR A 350 11.73 -16.55 -12.58
N ALA A 351 12.59 -16.22 -11.63
CA ALA A 351 12.54 -16.76 -10.29
C ALA A 351 12.47 -15.63 -9.29
N SER A 352 11.70 -15.83 -8.21
CA SER A 352 11.50 -14.82 -7.16
C SER A 352 10.93 -13.52 -7.73
N GLY A 353 10.01 -13.62 -8.67
CA GLY A 353 9.36 -12.45 -9.23
C GLY A 353 7.89 -12.66 -9.50
N ASP A 354 7.25 -13.51 -8.68
CA ASP A 354 5.88 -13.95 -8.93
C ASP A 354 4.90 -12.85 -8.52
N GLY A 355 4.58 -11.97 -9.45
CA GLY A 355 3.52 -11.01 -9.29
C GLY A 355 3.91 -9.70 -8.63
N ARG A 356 5.13 -9.57 -8.13
CA ARG A 356 5.55 -8.33 -7.49
C ARG A 356 6.12 -7.35 -8.51
N HIS A 357 7.12 -7.78 -9.26
CA HIS A 357 7.81 -6.92 -10.21
C HIS A 357 8.06 -7.73 -11.48
N TYR A 358 8.35 -7.01 -12.57
CA TYR A 358 8.53 -7.65 -13.86
C TYR A 358 9.75 -7.05 -14.56
N CYS A 359 10.33 -7.84 -15.45
CA CYS A 359 11.48 -7.42 -16.25
C CYS A 359 11.07 -7.36 -17.71
N TYR A 360 11.59 -6.37 -18.44
CA TYR A 360 11.20 -6.11 -19.82
C TYR A 360 12.43 -6.07 -20.70
N PRO A 361 12.93 -7.24 -21.13
CA PRO A 361 14.11 -7.26 -21.98
C PRO A 361 13.86 -6.57 -23.31
N HIS A 362 14.89 -5.87 -23.81
CA HIS A 362 14.77 -5.15 -25.11
C HIS A 362 16.12 -5.16 -25.82
N PHE A 363 16.15 -5.51 -27.11
CA PHE A 363 17.42 -5.46 -27.89
C PHE A 363 17.50 -4.10 -28.59
N THR A 364 18.50 -3.28 -28.26
CA THR A 364 18.56 -1.91 -28.83
C THR A 364 19.98 -1.53 -29.25
N CYS A 365 20.18 -0.31 -29.75
CA CYS A 365 21.49 0.15 -30.14
C CYS A 365 21.72 1.55 -29.57
N ALA A 366 23.00 1.93 -29.47
CA ALA A 366 23.33 3.25 -28.94
C ALA A 366 22.78 4.36 -29.82
N VAL A 367 22.65 4.10 -31.13
CA VAL A 367 22.15 5.12 -32.05
C VAL A 367 20.63 5.06 -32.23
N ASP A 368 19.95 4.18 -31.50
CA ASP A 368 18.50 4.07 -31.63
C ASP A 368 17.83 5.33 -31.11
N THR A 369 16.74 5.72 -31.77
CA THR A 369 15.99 6.91 -31.40
C THR A 369 14.72 6.60 -30.62
N GLU A 370 14.13 5.42 -30.82
CA GLU A 370 12.86 5.07 -30.20
C GLU A 370 13.02 4.49 -28.79
N ASN A 371 14.16 4.75 -28.14
CA ASN A 371 14.33 4.27 -26.77
C ASN A 371 13.35 4.94 -25.82
N ILE A 372 13.07 6.22 -26.03
CA ILE A 372 12.09 6.92 -25.21
C ILE A 372 10.71 6.28 -25.37
N ARG A 373 10.36 5.89 -26.59
CA ARG A 373 9.06 5.26 -26.81
C ARG A 373 8.96 3.93 -26.09
N ARG A 374 10.02 3.13 -26.11
CA ARG A 374 9.99 1.86 -25.40
C ARG A 374 9.92 2.06 -23.89
N VAL A 375 10.67 3.03 -23.37
CA VAL A 375 10.58 3.33 -21.93
C VAL A 375 9.17 3.77 -21.58
N PHE A 376 8.55 4.60 -22.41
CA PHE A 376 7.19 5.06 -22.16
C PHE A 376 6.21 3.90 -22.16
N ASN A 377 6.32 3.01 -23.15
CA ASN A 377 5.40 1.87 -23.22
C ASN A 377 5.56 0.95 -22.02
N ASP A 378 6.81 0.71 -21.59
CA ASP A 378 7.02 -0.19 -20.46
C ASP A 378 6.56 0.45 -19.15
N CYS A 379 6.73 1.76 -19.01
CA CYS A 379 6.18 2.45 -17.85
C CYS A 379 4.66 2.40 -17.83
N ARG A 380 4.03 2.54 -19.00
CA ARG A 380 2.59 2.40 -19.09
C ARG A 380 2.15 1.01 -18.66
N ASP A 381 2.84 -0.02 -19.14
CA ASP A 381 2.49 -1.39 -18.75
C ASP A 381 2.68 -1.59 -17.25
N ILE A 382 3.74 -1.01 -16.68
CA ILE A 382 4.00 -1.14 -15.25
C ILE A 382 2.88 -0.51 -14.43
N ILE A 383 2.47 0.70 -14.83
CA ILE A 383 1.40 1.39 -14.11
C ILE A 383 0.09 0.62 -14.23
N GLN A 384 -0.23 0.13 -15.44
CA GLN A 384 -1.47 -0.62 -15.62
C GLN A 384 -1.47 -1.90 -14.79
N ARG A 385 -0.34 -2.62 -14.77
CA ARG A 385 -0.27 -3.84 -13.99
C ARG A 385 -0.40 -3.56 -12.49
N MET A 386 0.21 -2.47 -12.01
CA MET A 386 0.05 -2.11 -10.61
C MET A 386 -1.40 -1.80 -10.27
N HIS A 387 -2.07 -1.02 -11.13
CA HIS A 387 -3.46 -0.68 -10.88
C HIS A 387 -4.36 -1.91 -10.89
N LEU A 388 -4.13 -2.83 -11.83
CA LEU A 388 -4.89 -4.08 -11.84
C LEU A 388 -4.58 -4.93 -10.62
N ARG A 389 -3.36 -4.82 -10.09
CA ARG A 389 -2.98 -5.63 -8.93
C ARG A 389 -3.62 -5.12 -7.66
N GLN A 390 -3.77 -3.80 -7.52
CA GLN A 390 -4.37 -3.27 -6.30
C GLN A 390 -5.87 -3.55 -6.22
N TYR A 391 -6.51 -3.86 -7.36
CA TYR A 391 -7.90 -4.30 -7.40
C TYR A 391 -8.04 -5.81 -7.33
N GLU A 392 -6.93 -6.55 -7.19
CA GLU A 392 -6.91 -8.01 -7.15
C GLU A 392 -7.48 -8.62 -8.43
N LEU A 393 -7.51 -7.87 -9.53
CA LEU A 393 -7.92 -8.45 -10.81
C LEU A 393 -6.87 -9.42 -11.32
N LEU A 394 -5.59 -9.08 -11.17
CA LEU A 394 -4.51 -9.97 -11.56
C LEU A 394 -3.84 -10.58 -10.33
N GLU B 13 58.68 -4.43 3.20
CA GLU B 13 57.86 -5.51 2.64
C GLU B 13 56.44 -5.46 3.20
N LEU B 14 55.46 -5.68 2.32
CA LEU B 14 54.07 -5.63 2.76
C LEU B 14 53.74 -6.78 3.70
N ASP B 15 54.34 -7.95 3.46
CA ASP B 15 54.09 -9.09 4.33
C ASP B 15 54.58 -8.82 5.76
N GLN B 16 55.72 -8.14 5.88
CA GLN B 16 56.24 -7.80 7.21
C GLN B 16 55.30 -6.87 7.95
N LEU B 17 54.73 -5.88 7.25
CA LEU B 17 53.82 -4.96 7.89
C LEU B 17 52.54 -5.64 8.35
N ARG B 18 52.06 -6.62 7.58
CA ARG B 18 50.87 -7.37 7.97
C ARG B 18 51.11 -8.13 9.27
N GLN B 19 52.30 -8.73 9.42
CA GLN B 19 52.62 -9.43 10.66
C GLN B 19 52.67 -8.47 11.84
N GLU B 20 53.24 -7.28 11.64
CA GLU B 20 53.26 -6.29 12.72
C GLU B 20 51.85 -5.86 13.11
N ALA B 21 50.98 -5.64 12.12
CA ALA B 21 49.60 -5.26 12.41
C ALA B 21 48.88 -6.38 13.16
N GLU B 22 49.10 -7.63 12.75
CA GLU B 22 48.49 -8.76 13.46
C GLU B 22 48.98 -8.85 14.89
N GLN B 23 50.29 -8.62 15.10
CA GLN B 23 50.83 -8.66 16.45
C GLN B 23 50.23 -7.55 17.32
N LEU B 24 50.10 -6.34 16.76
CA LEU B 24 49.51 -5.25 17.51
C LEU B 24 48.04 -5.52 17.83
N LYS B 25 47.31 -6.11 16.87
CA LYS B 25 45.92 -6.48 17.13
C LYS B 25 45.81 -7.54 18.22
N ASN B 26 46.73 -8.50 18.21
CA ASN B 26 46.77 -9.50 19.28
C ASN B 26 47.06 -8.85 20.62
N GLN B 27 47.96 -7.86 20.64
CA GLN B 27 48.23 -7.14 21.88
C GLN B 27 47.00 -6.40 22.37
N ILE B 28 46.26 -5.77 21.46
CA ILE B 28 45.02 -5.10 21.84
C ILE B 28 44.02 -6.10 22.43
N ARG B 29 43.88 -7.25 21.78
CA ARG B 29 42.94 -8.26 22.26
C ARG B 29 43.34 -8.76 23.65
N ASP B 30 44.64 -9.00 23.86
CA ASP B 30 45.10 -9.44 25.17
C ASP B 30 44.87 -8.37 26.24
N ALA B 31 45.12 -7.11 25.89
CA ALA B 31 44.91 -6.03 26.86
C ALA B 31 43.44 -5.90 27.23
N ARG B 32 42.55 -6.01 26.24
CA ARG B 32 41.12 -5.92 26.54
C ARG B 32 40.65 -7.09 27.39
N LYS B 33 41.17 -8.29 27.13
CA LYS B 33 40.78 -9.46 27.90
C LYS B 33 41.18 -9.32 29.36
N ALA B 34 42.35 -8.75 29.63
CA ALA B 34 42.80 -8.59 31.01
C ALA B 34 41.87 -7.71 31.83
N CYS B 35 41.21 -6.75 31.18
CA CYS B 35 40.30 -5.85 31.88
C CYS B 35 38.92 -6.46 32.09
N ALA B 36 38.64 -7.63 31.52
CA ALA B 36 37.33 -8.27 31.64
C ALA B 36 37.21 -8.93 33.01
N ASP B 37 37.09 -8.09 34.04
CA ASP B 37 36.94 -8.58 35.40
C ASP B 37 35.59 -9.26 35.59
N ALA B 38 34.51 -8.62 35.15
CA ALA B 38 33.18 -9.18 35.28
C ALA B 38 32.28 -8.55 34.22
N THR B 39 31.16 -9.21 33.96
CA THR B 39 30.22 -8.75 32.95
C THR B 39 29.22 -7.77 33.56
N LEU B 40 28.60 -6.98 32.68
CA LEU B 40 27.59 -6.02 33.14
C LEU B 40 26.37 -6.74 33.72
N SER B 41 26.01 -7.89 33.16
CA SER B 41 24.90 -8.66 33.69
C SER B 41 25.19 -9.14 35.10
N GLN B 42 26.42 -9.63 35.35
CA GLN B 42 26.79 -10.06 36.70
C GLN B 42 26.76 -8.89 37.68
N ILE B 43 27.26 -7.72 37.27
CA ILE B 43 27.28 -6.56 38.15
C ILE B 43 25.85 -6.07 38.41
N THR B 44 25.01 -6.06 37.38
CA THR B 44 23.64 -5.57 37.49
C THR B 44 22.63 -6.71 37.65
N ASN B 45 23.01 -7.76 38.37
CA ASN B 45 22.11 -8.90 38.54
C ASN B 45 21.02 -8.61 39.57
N ASN B 46 21.34 -7.86 40.62
CA ASN B 46 20.43 -7.69 41.74
C ASN B 46 19.47 -6.52 41.57
N ILE B 47 19.61 -5.71 40.51
CA ILE B 47 18.75 -4.56 40.34
C ILE B 47 17.36 -5.02 39.93
N ASP B 48 16.35 -4.22 40.25
CA ASP B 48 14.98 -4.58 39.91
C ASP B 48 14.72 -4.33 38.43
N PRO B 49 13.90 -5.17 37.79
CA PRO B 49 13.57 -4.93 36.38
C PRO B 49 12.72 -3.68 36.22
N VAL B 50 12.85 -3.05 35.04
CA VAL B 50 12.08 -1.83 34.78
C VAL B 50 10.61 -2.15 34.57
N GLY B 51 10.28 -3.40 34.28
CA GLY B 51 8.91 -3.80 34.07
C GLY B 51 8.42 -3.50 32.65
N ARG B 52 7.25 -4.04 32.33
CA ARG B 52 6.65 -3.79 31.02
C ARG B 52 6.32 -2.32 30.87
N ILE B 53 6.53 -1.79 29.67
CA ILE B 53 6.35 -0.38 29.37
C ILE B 53 5.41 -0.24 28.19
N GLN B 54 4.35 0.56 28.37
CA GLN B 54 3.37 0.80 27.33
C GLN B 54 3.44 2.26 26.90
N MET B 55 3.71 2.50 25.62
CA MET B 55 3.80 3.83 25.06
C MET B 55 2.78 3.95 23.93
N ARG B 56 1.84 4.88 24.08
CA ARG B 56 0.80 5.11 23.10
C ARG B 56 1.14 6.33 22.26
N THR B 57 0.77 6.28 20.98
CA THR B 57 1.05 7.38 20.07
C THR B 57 0.25 8.61 20.49
N ARG B 58 0.93 9.61 21.04
CA ARG B 58 0.27 10.83 21.48
C ARG B 58 0.10 11.85 20.36
N ARG B 59 0.72 11.62 19.20
CA ARG B 59 0.63 12.56 18.10
C ARG B 59 1.10 11.86 16.83
N THR B 60 0.47 12.20 15.72
CA THR B 60 0.84 11.65 14.41
C THR B 60 0.91 12.80 13.42
N LEU B 61 2.11 13.06 12.90
CA LEU B 61 2.35 14.18 12.01
C LEU B 61 2.46 13.66 10.57
N ARG B 62 1.56 14.11 9.71
CA ARG B 62 1.50 13.65 8.33
C ARG B 62 1.51 14.84 7.39
N GLY B 63 1.96 14.58 6.16
CA GLY B 63 2.11 15.64 5.18
C GLY B 63 3.28 15.42 4.24
N HIS B 64 4.11 14.43 4.51
CA HIS B 64 5.19 14.06 3.62
C HIS B 64 4.67 13.16 2.51
N LEU B 65 5.23 13.31 1.31
CA LEU B 65 4.77 12.52 0.17
C LEU B 65 5.51 11.19 0.08
N ALA B 66 6.83 11.22 0.07
CA ALA B 66 7.65 10.03 -0.06
C ALA B 66 8.18 9.59 1.30
N LYS B 67 9.04 8.58 1.27
CA LYS B 67 9.56 8.01 2.51
C LYS B 67 10.41 9.02 3.27
N ILE B 68 10.37 8.93 4.58
CA ILE B 68 11.13 9.82 5.47
C ILE B 68 12.44 9.15 5.82
N TYR B 69 13.55 9.88 5.62
CA TYR B 69 14.88 9.33 5.87
C TYR B 69 15.54 9.87 7.12
N ALA B 70 15.12 11.01 7.65
CA ALA B 70 15.78 11.56 8.83
C ALA B 70 14.86 12.52 9.54
N MET B 71 15.21 12.82 10.78
CA MET B 71 14.55 13.86 11.57
C MET B 71 15.50 14.28 12.67
N HIS B 72 15.19 15.42 13.29
CA HIS B 72 15.99 15.91 14.41
C HIS B 72 15.16 16.82 15.29
N TRP B 73 15.09 16.49 16.57
CA TRP B 73 14.42 17.35 17.54
C TRP B 73 15.16 18.67 17.71
N GLY B 74 14.42 19.71 18.07
CA GLY B 74 15.04 20.96 18.44
C GLY B 74 15.54 20.93 19.86
N THR B 75 16.34 21.95 20.20
CA THR B 75 16.86 22.04 21.55
C THR B 75 15.75 22.33 22.56
N ASP B 76 14.72 23.08 22.14
CA ASP B 76 13.58 23.36 22.99
C ASP B 76 12.68 22.15 23.20
N SER B 77 12.92 21.05 22.46
CA SER B 77 12.13 19.83 22.56
C SER B 77 10.68 20.07 22.17
N ARG B 78 10.43 21.06 21.32
CA ARG B 78 9.10 21.35 20.80
C ARG B 78 9.03 21.23 19.30
N LEU B 79 9.97 21.84 18.58
CA LEU B 79 10.03 21.78 17.13
C LEU B 79 10.90 20.61 16.68
N LEU B 80 10.63 20.14 15.46
CA LEU B 80 11.46 19.12 14.84
C LEU B 80 11.40 19.29 13.33
N VAL B 81 12.50 18.93 12.67
CA VAL B 81 12.62 19.03 11.22
C VAL B 81 12.67 17.62 10.65
N SER B 82 12.00 17.40 9.52
CA SER B 82 11.93 16.09 8.90
C SER B 82 12.28 16.19 7.43
N ALA B 83 13.04 15.21 6.94
CA ALA B 83 13.50 15.16 5.56
C ALA B 83 12.94 13.92 4.89
N SER B 84 12.35 14.09 3.71
CA SER B 84 11.76 13.00 2.97
C SER B 84 12.30 12.98 1.55
N GLN B 85 12.23 11.81 0.92
CA GLN B 85 12.77 11.61 -0.41
C GLN B 85 11.98 12.31 -1.50
N ASP B 86 10.95 13.08 -1.15
CA ASP B 86 10.21 13.87 -2.12
C ASP B 86 10.74 15.29 -2.23
N GLY B 87 11.82 15.62 -1.51
CA GLY B 87 12.47 16.91 -1.65
C GLY B 87 11.86 18.01 -0.82
N LYS B 88 11.57 17.73 0.45
CA LYS B 88 10.98 18.73 1.34
C LYS B 88 11.55 18.58 2.74
N LEU B 89 11.96 19.71 3.32
CA LEU B 89 12.23 19.81 4.74
C LEU B 89 11.02 20.48 5.38
N ILE B 90 10.31 19.75 6.23
CA ILE B 90 9.11 20.25 6.89
C ILE B 90 9.39 20.33 8.37
N ILE B 91 9.32 21.53 8.93
CA ILE B 91 9.52 21.74 10.36
C ILE B 91 8.17 21.67 11.04
N TRP B 92 8.03 20.74 11.98
CA TRP B 92 6.78 20.53 12.67
C TRP B 92 6.81 21.19 14.04
N ASP B 93 5.62 21.37 14.61
CA ASP B 93 5.44 21.78 16.00
C ASP B 93 4.77 20.60 16.69
N SER B 94 5.59 19.79 17.39
CA SER B 94 5.09 18.53 17.92
C SER B 94 3.94 18.73 18.90
N TYR B 95 3.83 19.91 19.50
CA TYR B 95 2.73 20.17 20.44
C TYR B 95 1.41 20.32 19.71
N THR B 96 1.30 21.30 18.81
CA THR B 96 0.04 21.58 18.14
C THR B 96 -0.07 20.92 16.77
N THR B 97 0.92 20.14 16.35
CA THR B 97 0.96 19.40 15.10
C THR B 97 1.08 20.33 13.89
N ASN B 98 1.01 21.65 14.10
CA ASN B 98 0.98 22.58 12.97
C ASN B 98 2.36 22.71 12.34
N LYS B 99 2.40 22.64 11.02
CA LYS B 99 3.65 22.87 10.29
C LYS B 99 4.01 24.35 10.31
N VAL B 100 5.25 24.64 10.66
CA VAL B 100 5.73 26.02 10.68
C VAL B 100 6.55 26.36 9.44
N HIS B 101 7.33 25.44 8.89
CA HIS B 101 8.12 25.72 7.70
C HIS B 101 8.01 24.55 6.73
N ALA B 102 8.19 24.85 5.45
CA ALA B 102 8.29 23.82 4.42
C ALA B 102 9.29 24.33 3.39
N ILE B 103 10.45 23.69 3.34
CA ILE B 103 11.59 24.15 2.55
C ILE B 103 11.71 23.27 1.32
N PRO B 104 11.54 23.80 0.10
CA PRO B 104 11.72 22.99 -1.11
C PRO B 104 13.20 22.88 -1.46
N LEU B 105 13.72 21.65 -1.44
CA LEU B 105 15.14 21.44 -1.66
C LEU B 105 15.46 21.37 -3.14
N ARG B 106 16.73 21.63 -3.46
CA ARG B 106 17.20 21.55 -4.84
C ARG B 106 17.46 20.12 -5.28
N SER B 107 17.54 19.18 -4.36
CA SER B 107 17.78 17.78 -4.67
C SER B 107 16.74 16.92 -4.00
N SER B 108 16.11 16.03 -4.77
CA SER B 108 15.04 15.20 -4.25
C SER B 108 15.54 14.06 -3.36
N TRP B 109 16.83 13.80 -3.32
CA TRP B 109 17.38 12.60 -2.69
C TRP B 109 18.02 12.90 -1.34
N VAL B 110 17.42 13.79 -0.56
CA VAL B 110 17.93 14.10 0.78
C VAL B 110 17.77 12.89 1.68
N MET B 111 18.86 12.51 2.35
CA MET B 111 18.85 11.35 3.24
C MET B 111 19.38 11.68 4.63
N THR B 112 19.46 12.96 4.97
CA THR B 112 19.83 13.36 6.32
C THR B 112 19.34 14.78 6.57
N CYS B 113 19.24 15.14 7.85
CA CYS B 113 18.87 16.49 8.24
C CYS B 113 19.35 16.73 9.66
N ALA B 114 19.43 18.00 10.03
CA ALA B 114 19.93 18.38 11.34
C ALA B 114 19.25 19.67 11.78
N TYR B 115 19.27 19.89 13.09
CA TYR B 115 18.73 21.10 13.72
C TYR B 115 19.85 21.75 14.53
N ALA B 116 20.11 23.02 14.26
CA ALA B 116 21.16 23.72 14.97
C ALA B 116 20.80 23.85 16.45
N PRO B 117 21.77 23.78 17.35
CA PRO B 117 21.45 23.94 18.79
C PRO B 117 20.79 25.26 19.11
N SER B 118 21.18 26.34 18.41
CA SER B 118 20.52 27.63 18.61
C SER B 118 19.16 27.69 17.96
N GLY B 119 18.86 26.76 17.04
CA GLY B 119 17.60 26.77 16.33
C GLY B 119 17.54 27.69 15.13
N ASN B 120 18.63 28.39 14.82
CA ASN B 120 18.61 29.34 13.70
C ASN B 120 18.68 28.63 12.35
N TYR B 121 19.46 27.56 12.24
CA TYR B 121 19.73 26.91 10.97
C TYR B 121 19.27 25.46 10.98
N VAL B 122 18.98 24.95 9.79
CA VAL B 122 18.79 23.52 9.56
C VAL B 122 19.61 23.14 8.33
N ALA B 123 20.07 21.90 8.29
CA ALA B 123 20.91 21.41 7.21
C ALA B 123 20.36 20.11 6.65
N CYS B 124 20.69 19.82 5.40
CA CYS B 124 20.28 18.59 4.76
C CYS B 124 21.32 18.16 3.75
N GLY B 125 21.46 16.86 3.57
CA GLY B 125 22.39 16.30 2.61
C GLY B 125 21.85 15.00 2.05
N GLY B 126 22.28 14.70 0.83
CA GLY B 126 21.77 13.53 0.15
C GLY B 126 22.72 12.89 -0.84
N LEU B 127 22.17 12.28 -1.89
CA LEU B 127 23.01 11.61 -2.89
C LEU B 127 23.92 12.61 -3.58
N ASP B 128 23.41 13.79 -3.91
CA ASP B 128 24.30 14.88 -4.28
C ASP B 128 25.22 15.17 -3.12
N ASN B 129 26.52 15.27 -3.41
CA ASN B 129 27.51 15.38 -2.34
C ASN B 129 27.42 16.70 -1.58
N ILE B 130 26.66 17.67 -2.10
CA ILE B 130 26.58 18.98 -1.50
C ILE B 130 25.73 18.95 -0.24
N CYS B 131 26.22 19.59 0.82
CA CYS B 131 25.46 19.80 2.04
C CYS B 131 25.00 21.24 2.10
N SER B 132 23.70 21.45 2.34
CA SER B 132 23.10 22.78 2.28
C SER B 132 22.73 23.25 3.69
N ILE B 133 23.02 24.52 3.97
CA ILE B 133 22.68 25.15 5.23
C ILE B 133 21.56 26.14 4.98
N TYR B 134 20.47 26.01 5.73
CA TYR B 134 19.28 26.84 5.54
C TYR B 134 19.13 27.80 6.70
N ASN B 135 18.85 29.07 6.39
CA ASN B 135 18.71 30.13 7.39
C ASN B 135 17.23 30.37 7.64
N LEU B 136 16.76 30.00 8.83
CA LEU B 136 15.36 30.15 9.18
C LEU B 136 15.00 31.55 9.67
N LYS B 137 15.99 32.38 10.01
CA LYS B 137 15.77 33.67 10.64
C LYS B 137 16.12 34.82 9.70
N THR B 138 15.79 34.68 8.42
CA THR B 138 16.07 35.74 7.45
C THR B 138 15.20 36.96 7.74
N ARG B 139 15.68 38.12 7.25
CA ARG B 139 14.93 39.35 7.46
C ARG B 139 13.57 39.30 6.77
N GLU B 140 13.52 38.78 5.55
CA GLU B 140 12.27 38.68 4.82
C GLU B 140 11.38 37.55 5.34
N GLY B 141 11.91 36.65 6.16
CA GLY B 141 11.15 35.55 6.72
C GLY B 141 11.27 34.24 5.96
N ASN B 142 11.30 34.30 4.64
CA ASN B 142 11.39 33.10 3.83
C ASN B 142 12.75 32.43 4.01
N VAL B 143 12.76 31.10 3.97
CA VAL B 143 13.99 30.35 4.14
C VAL B 143 14.83 30.44 2.86
N ARG B 144 16.11 30.74 3.02
CA ARG B 144 17.03 30.83 1.91
C ARG B 144 18.31 30.08 2.24
N VAL B 145 18.99 29.60 1.20
CA VAL B 145 20.23 28.85 1.37
C VAL B 145 21.32 29.83 1.79
N SER B 146 21.95 29.56 2.94
CA SER B 146 23.02 30.41 3.42
C SER B 146 24.39 29.96 2.94
N ARG B 147 24.60 28.65 2.81
CA ARG B 147 25.90 28.12 2.40
C ARG B 147 25.70 26.72 1.86
N GLU B 148 26.46 26.39 0.82
CA GLU B 148 26.46 25.05 0.23
C GLU B 148 27.88 24.50 0.31
N LEU B 149 28.03 23.41 1.07
CA LEU B 149 29.33 22.81 1.32
C LEU B 149 29.53 21.66 0.35
N ALA B 150 30.44 21.85 -0.62
CA ALA B 150 30.58 20.92 -1.74
C ALA B 150 31.97 20.30 -1.82
N GLY B 151 32.50 19.83 -0.70
CA GLY B 151 33.81 19.20 -0.67
C GLY B 151 33.83 17.69 -0.65
N HIS B 152 32.67 17.04 -0.57
CA HIS B 152 32.62 15.59 -0.47
C HIS B 152 32.57 14.95 -1.86
N THR B 153 32.97 13.69 -1.91
CA THR B 153 32.98 12.90 -3.14
C THR B 153 32.14 11.64 -2.99
N GLY B 154 31.01 11.76 -2.31
CA GLY B 154 30.12 10.63 -2.12
C GLY B 154 28.86 11.08 -1.44
N TYR B 155 27.88 10.19 -1.42
CA TYR B 155 26.60 10.51 -0.79
C TYR B 155 26.80 10.83 0.69
N LEU B 156 26.11 11.86 1.16
CA LEU B 156 26.25 12.31 2.54
C LEU B 156 25.14 11.69 3.37
N SER B 157 25.53 11.03 4.47
CA SER B 157 24.60 10.22 5.24
C SER B 157 24.26 10.78 6.61
N CYS B 158 25.06 11.69 7.17
CA CYS B 158 24.75 12.28 8.47
C CYS B 158 25.46 13.61 8.58
N CYS B 159 24.87 14.50 9.38
CA CYS B 159 25.44 15.81 9.65
C CYS B 159 24.90 16.32 10.97
N ARG B 160 25.79 16.90 11.78
CA ARG B 160 25.42 17.36 13.12
C ARG B 160 26.12 18.69 13.38
N PHE B 161 25.34 19.72 13.71
CA PHE B 161 25.90 21.00 14.06
C PHE B 161 26.66 20.91 15.38
N LEU B 162 27.82 21.57 15.44
CA LEU B 162 28.49 21.82 16.70
C LEU B 162 28.06 23.14 17.31
N ASP B 163 27.92 24.16 16.48
CA ASP B 163 27.35 25.45 16.85
C ASP B 163 26.85 26.11 15.58
N ASP B 164 26.58 27.41 15.64
CA ASP B 164 26.06 28.11 14.48
C ASP B 164 27.09 28.26 13.37
N ASN B 165 28.36 27.93 13.63
CA ASN B 165 29.44 28.14 12.68
C ASN B 165 30.08 26.85 12.17
N GLN B 166 30.15 25.81 13.00
CA GLN B 166 30.85 24.58 12.66
C GLN B 166 29.86 23.43 12.54
N ILE B 167 29.96 22.67 11.46
CA ILE B 167 29.14 21.48 11.22
C ILE B 167 30.06 20.34 10.82
N VAL B 168 29.80 19.15 11.37
CA VAL B 168 30.57 17.96 11.06
C VAL B 168 29.69 17.00 10.27
N THR B 169 30.18 16.57 9.12
CA THR B 169 29.42 15.72 8.20
C THR B 169 30.18 14.42 7.94
N SER B 170 29.43 13.34 7.73
CA SER B 170 29.98 12.05 7.37
C SER B 170 29.40 11.60 6.05
N SER B 171 30.26 11.27 5.11
CA SER B 171 29.86 10.92 3.75
C SER B 171 30.08 9.44 3.48
N GLY B 172 29.65 9.01 2.30
CA GLY B 172 29.87 7.67 1.83
C GLY B 172 31.23 7.41 1.24
N ASP B 173 32.10 8.40 1.19
CA ASP B 173 33.47 8.23 0.72
C ASP B 173 34.41 7.80 1.84
N THR B 174 33.89 7.19 2.90
CA THR B 174 34.64 6.65 4.03
C THR B 174 35.35 7.72 4.85
N THR B 175 34.98 8.99 4.69
CA THR B 175 35.61 10.07 5.44
C THR B 175 34.56 10.94 6.12
N CYS B 176 34.82 11.29 7.38
CA CYS B 176 34.07 12.31 8.08
C CYS B 176 34.79 13.64 7.97
N ALA B 177 34.01 14.72 7.92
CA ALA B 177 34.55 16.04 7.64
C ALA B 177 34.08 17.04 8.70
N LEU B 178 34.95 17.98 9.01
CA LEU B 178 34.64 19.11 9.89
C LEU B 178 34.65 20.37 9.06
N TRP B 179 33.54 21.12 9.09
CA TRP B 179 33.34 22.25 8.20
C TRP B 179 33.40 23.56 8.95
N ASP B 180 33.45 24.65 8.18
CA ASP B 180 33.36 26.01 8.69
C ASP B 180 32.37 26.75 7.80
N ILE B 181 31.16 26.97 8.30
CA ILE B 181 30.04 27.40 7.46
C ILE B 181 30.32 28.77 6.84
N GLU B 182 30.89 29.69 7.64
CA GLU B 182 31.09 31.05 7.15
C GLU B 182 32.03 31.08 5.95
N THR B 183 33.12 30.32 6.01
CA THR B 183 34.05 30.26 4.90
C THR B 183 33.74 29.14 3.92
N GLY B 184 33.08 28.08 4.38
CA GLY B 184 32.72 26.97 3.52
C GLY B 184 33.82 25.94 3.32
N GLN B 185 34.99 26.13 3.93
CA GLN B 185 36.10 25.24 3.70
C GLN B 185 36.05 24.04 4.64
N GLN B 186 37.04 23.17 4.52
CA GLN B 186 37.17 21.96 5.32
C GLN B 186 38.23 22.20 6.39
N THR B 187 37.78 22.40 7.64
CA THR B 187 38.74 22.64 8.72
C THR B 187 39.56 21.40 9.03
N THR B 188 38.92 20.23 9.04
CA THR B 188 39.60 18.99 9.38
C THR B 188 38.86 17.83 8.75
N THR B 189 39.62 16.88 8.20
CA THR B 189 39.07 15.69 7.57
C THR B 189 39.56 14.46 8.31
N PHE B 190 38.64 13.54 8.58
CA PHE B 190 38.94 12.29 9.28
C PHE B 190 38.94 11.16 8.26
N THR B 191 40.07 10.47 8.14
CA THR B 191 40.28 9.48 7.08
C THR B 191 40.73 8.14 7.68
N GLY B 192 40.00 7.66 8.68
CA GLY B 192 40.35 6.40 9.29
C GLY B 192 39.52 5.21 8.84
N HIS B 193 38.28 5.47 8.40
CA HIS B 193 37.36 4.40 8.07
C HIS B 193 37.69 3.79 6.71
N THR B 194 37.32 2.52 6.55
CA THR B 194 37.45 1.81 5.29
C THR B 194 36.13 1.67 4.53
N GLY B 195 35.00 1.68 5.24
CA GLY B 195 33.71 1.60 4.63
C GLY B 195 32.95 2.91 4.73
N ASP B 196 31.78 2.93 4.10
CA ASP B 196 30.96 4.14 4.05
C ASP B 196 30.43 4.48 5.43
N VAL B 197 30.68 5.71 5.87
CA VAL B 197 30.22 6.20 7.16
C VAL B 197 28.77 6.62 7.02
N MET B 198 27.91 6.14 7.91
CA MET B 198 26.49 6.42 7.80
C MET B 198 25.85 6.74 9.14
N SER B 199 26.65 7.18 10.12
CA SER B 199 26.11 7.49 11.43
C SER B 199 27.20 8.19 12.24
N LEU B 200 26.78 9.13 13.08
CA LEU B 200 27.67 9.77 14.03
C LEU B 200 26.84 10.41 15.11
N SER B 201 27.45 10.58 16.29
CA SER B 201 26.78 11.22 17.42
C SER B 201 27.81 11.98 18.23
N LEU B 202 27.62 13.28 18.36
CA LEU B 202 28.55 14.10 19.11
C LEU B 202 28.48 13.78 20.60
N ALA B 203 29.60 13.98 21.28
CA ALA B 203 29.63 13.81 22.73
C ALA B 203 28.79 14.89 23.38
N PRO B 204 28.31 14.66 24.61
CA PRO B 204 27.53 15.69 25.31
C PRO B 204 28.26 17.01 25.44
N ASP B 205 29.58 16.99 25.62
CA ASP B 205 30.38 18.19 25.66
C ASP B 205 30.92 18.60 24.30
N THR B 206 30.56 17.87 23.24
CA THR B 206 30.99 18.10 21.86
C THR B 206 32.50 18.03 21.69
N ARG B 207 33.22 17.44 22.65
CA ARG B 207 34.66 17.30 22.51
C ARG B 207 35.03 16.19 21.53
N LEU B 208 34.28 15.09 21.54
CA LEU B 208 34.54 13.94 20.70
C LEU B 208 33.27 13.58 19.93
N PHE B 209 33.41 12.65 18.99
CA PHE B 209 32.25 12.09 18.31
C PHE B 209 32.63 10.74 17.70
N VAL B 210 31.70 9.80 17.73
CA VAL B 210 31.91 8.46 17.21
C VAL B 210 31.21 8.33 15.86
N SER B 211 31.50 7.24 15.17
CA SER B 211 30.91 7.02 13.85
C SER B 211 30.99 5.55 13.44
N GLY B 212 29.85 4.97 13.06
CA GLY B 212 29.83 3.64 12.50
C GLY B 212 29.83 3.71 10.98
N ALA B 213 30.67 2.88 10.37
CA ALA B 213 31.03 3.07 8.97
C ALA B 213 30.92 1.78 8.17
N CYS B 214 29.82 1.06 8.33
CA CYS B 214 29.43 -0.01 7.41
C CYS B 214 30.52 -1.08 7.25
N ASP B 215 31.39 -1.21 8.24
CA ASP B 215 32.39 -2.28 8.24
C ASP B 215 32.56 -2.88 9.63
N ALA B 216 31.51 -2.82 10.45
CA ALA B 216 31.51 -3.36 11.80
C ALA B 216 32.60 -2.74 12.67
N SER B 217 32.81 -1.43 12.55
CA SER B 217 33.80 -0.73 13.34
C SER B 217 33.33 0.70 13.62
N ALA B 218 33.36 1.09 14.89
CA ALA B 218 33.04 2.44 15.32
C ALA B 218 34.31 3.07 15.89
N LYS B 219 34.59 4.30 15.48
CA LYS B 219 35.83 4.98 15.83
C LYS B 219 35.55 6.23 16.64
N LEU B 220 36.37 6.48 17.66
CA LEU B 220 36.26 7.65 18.51
C LEU B 220 37.19 8.73 17.99
N TRP B 221 36.61 9.89 17.64
CA TRP B 221 37.34 10.97 16.99
C TRP B 221 37.51 12.13 17.95
N ASP B 222 38.62 12.84 17.80
CA ASP B 222 38.88 14.08 18.53
C ASP B 222 38.63 15.24 17.57
N VAL B 223 37.63 16.06 17.88
CA VAL B 223 37.23 17.12 16.95
C VAL B 223 38.35 18.15 16.79
N ARG B 224 38.99 18.52 17.90
CA ARG B 224 40.01 19.57 17.84
C ARG B 224 41.25 19.11 17.10
N GLU B 225 41.94 18.09 17.64
CA GLU B 225 43.23 17.71 17.08
C GLU B 225 43.05 16.93 15.78
N GLY B 226 42.00 16.12 15.69
CA GLY B 226 41.56 15.61 14.41
C GLY B 226 42.05 14.25 13.96
N MET B 227 41.98 13.25 14.82
CA MET B 227 42.37 11.90 14.44
C MET B 227 41.71 10.87 15.36
N CYS B 228 41.61 9.64 14.87
CA CYS B 228 40.90 8.60 15.59
C CYS B 228 41.61 8.24 16.88
N ARG B 229 40.84 8.11 17.95
CA ARG B 229 41.36 7.79 19.28
C ARG B 229 41.23 6.32 19.64
N GLN B 230 40.05 5.73 19.44
CA GLN B 230 39.84 4.32 19.73
C GLN B 230 39.00 3.72 18.62
N THR B 231 39.15 2.41 18.43
CA THR B 231 38.36 1.66 17.46
C THR B 231 37.70 0.49 18.18
N PHE B 232 36.39 0.37 18.01
CA PHE B 232 35.60 -0.65 18.69
C PHE B 232 35.07 -1.64 17.66
N THR B 233 35.29 -2.93 17.92
CA THR B 233 34.83 -4.00 17.05
C THR B 233 34.02 -5.00 17.87
N GLY B 234 33.29 -5.85 17.15
CA GLY B 234 32.40 -6.80 17.79
C GLY B 234 31.13 -7.05 17.00
N HIS B 235 30.81 -6.12 16.10
CA HIS B 235 29.69 -6.34 15.20
C HIS B 235 30.07 -7.32 14.10
N GLU B 236 29.05 -7.98 13.53
CA GLU B 236 29.26 -8.96 12.47
C GLU B 236 28.88 -8.44 11.10
N SER B 237 28.28 -7.25 11.01
CA SER B 237 27.81 -6.73 9.73
C SER B 237 27.90 -5.20 9.79
N ASP B 238 27.22 -4.55 8.86
CA ASP B 238 27.30 -3.09 8.75
C ASP B 238 26.73 -2.43 9.99
N ILE B 239 27.16 -1.20 10.24
CA ILE B 239 26.61 -0.36 11.30
C ILE B 239 25.89 0.81 10.63
N ASN B 240 24.63 1.03 11.02
CA ASN B 240 23.81 2.07 10.41
C ASN B 240 23.08 2.91 11.44
N ALA B 241 23.51 2.85 12.71
CA ALA B 241 22.83 3.57 13.78
C ALA B 241 23.75 3.64 14.98
N ILE B 242 23.97 4.85 15.50
CA ILE B 242 24.83 5.06 16.65
C ILE B 242 24.27 6.20 17.49
N CYS B 243 24.60 6.16 18.78
CA CYS B 243 24.11 7.17 19.72
C CYS B 243 24.92 7.10 21.00
N PHE B 244 25.41 8.24 21.46
CA PHE B 244 26.17 8.32 22.70
C PHE B 244 25.27 8.09 23.91
N PHE B 245 25.84 7.47 24.94
CA PHE B 245 25.15 7.34 26.20
C PHE B 245 25.00 8.72 26.84
N PRO B 246 23.90 9.00 27.56
CA PRO B 246 23.71 10.32 28.14
C PRO B 246 24.86 10.78 29.01
N ASN B 247 25.48 9.84 29.74
CA ASN B 247 26.65 10.16 30.54
C ASN B 247 27.78 10.67 29.67
N GLY B 248 27.99 10.04 28.51
CA GLY B 248 29.07 10.39 27.61
C GLY B 248 30.26 9.45 27.65
N ASN B 249 30.18 8.36 28.42
CA ASN B 249 31.25 7.38 28.52
C ASN B 249 30.84 6.03 27.93
N ALA B 250 29.87 6.02 27.03
CA ALA B 250 29.42 4.79 26.38
C ALA B 250 28.61 5.18 25.15
N PHE B 251 28.35 4.20 24.30
CA PHE B 251 27.47 4.41 23.16
C PHE B 251 26.92 3.07 22.70
N ALA B 252 25.79 3.13 21.99
CA ALA B 252 25.11 1.95 21.49
C ALA B 252 25.08 1.98 19.97
N THR B 253 25.40 0.86 19.35
CA THR B 253 25.52 0.76 17.90
C THR B 253 24.45 -0.18 17.36
N GLY B 254 23.73 0.27 16.34
CA GLY B 254 22.75 -0.55 15.66
C GLY B 254 23.34 -1.09 14.36
N SER B 255 23.13 -2.38 14.12
CA SER B 255 23.80 -3.06 13.03
C SER B 255 22.81 -3.92 12.24
N ASP B 256 23.27 -4.38 11.08
CA ASP B 256 22.45 -5.19 10.19
C ASP B 256 22.38 -6.66 10.61
N ASP B 257 23.15 -7.07 11.61
CA ASP B 257 23.08 -8.44 12.11
C ASP B 257 21.98 -8.63 13.15
N ALA B 258 21.04 -7.69 13.24
CA ALA B 258 19.89 -7.77 14.15
C ALA B 258 20.33 -7.83 15.62
N THR B 259 21.41 -7.12 15.94
CA THR B 259 21.85 -6.99 17.34
C THR B 259 22.21 -5.54 17.62
N CYS B 260 21.92 -5.12 18.85
CA CYS B 260 22.36 -3.84 19.38
C CYS B 260 23.42 -4.11 20.44
N ARG B 261 24.47 -3.30 20.43
CA ARG B 261 25.61 -3.53 21.30
C ARG B 261 26.01 -2.23 22.01
N LEU B 262 26.38 -2.36 23.28
CA LEU B 262 26.80 -1.23 24.09
C LEU B 262 28.31 -1.28 24.25
N PHE B 263 28.98 -0.17 23.93
CA PHE B 263 30.42 -0.06 24.03
C PHE B 263 30.79 0.90 25.16
N ASP B 264 32.07 0.96 25.47
CA ASP B 264 32.57 1.83 26.53
C ASP B 264 33.88 2.46 26.09
N LEU B 265 33.99 3.78 26.28
CA LEU B 265 35.20 4.49 25.88
C LEU B 265 36.36 4.18 26.81
N ARG B 266 36.12 4.19 28.12
CA ARG B 266 37.22 4.01 29.08
C ARG B 266 37.70 2.57 29.10
N ALA B 267 36.77 1.62 29.12
CA ALA B 267 37.15 0.20 29.11
C ALA B 267 37.66 -0.24 27.75
N ASP B 268 37.36 0.52 26.69
CA ASP B 268 37.80 0.21 25.33
C ASP B 268 37.35 -1.18 24.89
N GLN B 269 36.19 -1.62 25.39
CA GLN B 269 35.72 -2.96 25.08
C GLN B 269 34.21 -3.02 25.23
N GLU B 270 33.61 -4.00 24.57
CA GLU B 270 32.18 -4.21 24.64
C GLU B 270 31.79 -4.78 26.00
N LEU B 271 30.62 -4.38 26.50
CA LEU B 271 30.16 -4.86 27.80
C LEU B 271 28.76 -5.44 27.81
N MET B 272 27.97 -5.25 26.75
CA MET B 272 26.63 -5.84 26.71
C MET B 272 26.10 -5.80 25.29
N THR B 273 25.38 -6.86 24.91
CA THR B 273 24.73 -6.96 23.61
C THR B 273 23.26 -7.26 23.80
N TYR B 274 22.42 -6.61 22.99
CA TYR B 274 20.97 -6.72 23.08
C TYR B 274 20.44 -7.38 21.82
N SER B 275 20.16 -8.69 21.91
CA SER B 275 19.64 -9.44 20.78
C SER B 275 18.61 -10.44 21.27
N HIS B 276 17.66 -10.77 20.38
CA HIS B 276 16.64 -11.76 20.67
C HIS B 276 16.50 -12.70 19.48
N ASP B 277 16.11 -13.94 19.78
CA ASP B 277 16.02 -14.96 18.73
C ASP B 277 14.95 -14.61 17.71
N ASN B 278 13.81 -14.08 18.17
CA ASN B 278 12.70 -13.79 17.28
C ASN B 278 13.01 -12.66 16.29
N ILE B 279 14.08 -11.91 16.51
CA ILE B 279 14.44 -10.80 15.65
C ILE B 279 15.59 -11.24 14.75
N ILE B 280 15.40 -11.13 13.44
CA ILE B 280 16.41 -11.51 12.47
C ILE B 280 16.62 -10.38 11.47
N CYS B 281 16.07 -9.21 11.77
CA CYS B 281 16.17 -8.04 10.92
C CYS B 281 17.02 -6.97 11.59
N GLY B 282 17.87 -6.31 10.79
CA GLY B 282 18.86 -5.43 11.36
C GLY B 282 18.26 -4.16 11.93
N ILE B 283 19.00 -3.55 12.85
CA ILE B 283 18.60 -2.30 13.49
C ILE B 283 18.86 -1.15 12.53
N THR B 284 17.96 -0.18 12.54
CA THR B 284 18.07 0.98 11.65
C THR B 284 18.24 2.30 12.37
N SER B 285 17.95 2.39 13.67
CA SER B 285 18.11 3.61 14.43
C SER B 285 18.10 3.28 15.91
N VAL B 286 18.95 3.97 16.69
CA VAL B 286 19.02 3.76 18.12
C VAL B 286 18.95 5.10 18.84
N SER B 287 18.48 5.06 20.09
CA SER B 287 18.41 6.23 20.94
C SER B 287 18.39 5.78 22.38
N PHE B 288 18.71 6.72 23.28
CA PHE B 288 18.67 6.49 24.71
C PHE B 288 17.63 7.40 25.35
N SER B 289 17.16 7.01 26.52
CA SER B 289 16.30 7.88 27.31
C SER B 289 17.14 8.83 28.16
N LYS B 290 16.46 9.71 28.89
CA LYS B 290 17.16 10.72 29.67
C LYS B 290 18.03 10.09 30.76
N SER B 291 17.51 9.07 31.44
CA SER B 291 18.27 8.41 32.49
C SER B 291 19.25 7.39 31.95
N GLY B 292 19.13 6.99 30.69
CA GLY B 292 19.98 5.99 30.10
C GLY B 292 19.63 4.56 30.45
N ARG B 293 18.55 4.34 31.19
CA ARG B 293 18.17 2.98 31.56
C ARG B 293 17.55 2.24 30.39
N LEU B 294 16.87 2.94 29.49
CA LEU B 294 16.24 2.32 28.34
C LEU B 294 17.00 2.67 27.07
N LEU B 295 17.21 1.67 26.22
CA LEU B 295 17.82 1.86 24.90
C LEU B 295 16.76 1.51 23.87
N LEU B 296 16.11 2.53 23.32
CA LEU B 296 15.19 2.30 22.22
C LEU B 296 15.98 2.00 20.96
N ALA B 297 15.41 1.17 20.08
CA ALA B 297 16.13 0.76 18.88
C ALA B 297 15.10 0.51 17.78
N GLY B 298 15.07 1.42 16.80
CA GLY B 298 14.19 1.19 15.65
C GLY B 298 14.68 0.01 14.84
N TYR B 299 13.73 -0.82 14.42
CA TYR B 299 14.02 -2.05 13.70
C TYR B 299 13.35 -2.05 12.34
N ASP B 300 13.92 -2.82 11.41
CA ASP B 300 13.13 -3.35 10.33
C ASP B 300 12.15 -4.38 10.92
N ASP B 301 11.14 -4.73 10.12
CA ASP B 301 9.94 -5.51 10.47
C ASP B 301 8.92 -4.60 11.17
N PHE B 302 9.15 -3.29 11.14
CA PHE B 302 8.15 -2.26 11.45
C PHE B 302 7.93 -2.10 12.95
N ASN B 303 8.92 -2.46 13.77
CA ASN B 303 8.81 -2.32 15.21
C ASN B 303 9.96 -1.47 15.74
N CYS B 304 9.81 -1.01 16.99
CA CYS B 304 10.87 -0.28 17.70
C CYS B 304 10.89 -0.80 19.13
N ASN B 305 11.67 -1.85 19.37
CA ASN B 305 11.74 -2.44 20.70
C ASN B 305 12.44 -1.49 21.67
N VAL B 306 12.00 -1.55 22.93
CA VAL B 306 12.58 -0.76 24.01
C VAL B 306 13.35 -1.70 24.91
N TRP B 307 14.66 -1.48 25.02
CA TRP B 307 15.56 -2.41 25.70
C TRP B 307 16.00 -1.83 27.04
N ASP B 308 15.90 -2.63 28.09
CA ASP B 308 16.48 -2.27 29.38
C ASP B 308 17.99 -2.27 29.22
N ALA B 309 18.59 -1.08 29.20
CA ALA B 309 20.02 -0.97 28.88
C ALA B 309 20.91 -1.60 29.94
N LEU B 310 20.37 -1.96 31.10
CA LEU B 310 21.17 -2.55 32.15
C LEU B 310 21.04 -4.07 32.20
N LYS B 311 19.81 -4.58 32.22
CA LYS B 311 19.58 -6.02 32.31
C LYS B 311 19.36 -6.68 30.95
N ALA B 312 19.38 -5.91 29.87
CA ALA B 312 19.29 -6.42 28.50
C ALA B 312 17.93 -7.02 28.18
N ASP B 313 17.03 -7.09 29.16
CA ASP B 313 15.70 -7.62 28.93
C ASP B 313 14.84 -6.58 28.21
N ARG B 314 14.13 -7.02 27.17
CA ARG B 314 13.24 -6.11 26.46
C ARG B 314 12.10 -5.69 27.38
N ALA B 315 11.71 -4.42 27.28
CA ALA B 315 10.66 -3.88 28.14
C ALA B 315 9.36 -3.60 27.41
N GLY B 316 9.40 -3.25 26.13
CA GLY B 316 8.17 -2.96 25.41
C GLY B 316 8.46 -2.78 23.94
N VAL B 317 7.39 -2.70 23.16
CA VAL B 317 7.47 -2.54 21.71
C VAL B 317 6.60 -1.36 21.31
N LEU B 318 7.17 -0.46 20.50
CA LEU B 318 6.41 0.67 19.97
C LEU B 318 5.86 0.35 18.58
N ALA B 319 5.06 -0.71 18.53
CA ALA B 319 4.44 -1.11 17.28
C ALA B 319 3.38 -0.10 16.85
N GLY B 320 3.17 -0.01 15.55
CA GLY B 320 2.25 0.98 15.02
C GLY B 320 2.64 1.54 13.67
N HIS B 321 3.82 1.18 13.17
CA HIS B 321 4.27 1.63 11.87
C HIS B 321 3.98 0.60 10.79
N ASP B 322 3.59 1.07 9.62
CA ASP B 322 3.20 0.21 8.51
C ASP B 322 4.30 0.04 7.47
N ASN B 323 5.51 0.50 7.76
CA ASN B 323 6.64 0.34 6.85
C ASN B 323 7.92 0.42 7.66
N ARG B 324 9.06 0.32 6.97
CA ARG B 324 10.35 0.32 7.63
C ARG B 324 10.56 1.61 8.41
N VAL B 325 11.04 1.47 9.65
CA VAL B 325 11.42 2.63 10.45
C VAL B 325 12.77 3.13 9.94
N SER B 326 12.93 4.45 9.88
CA SER B 326 14.16 5.05 9.39
C SER B 326 14.86 5.94 10.40
N CYS B 327 14.12 6.57 11.32
CA CYS B 327 14.71 7.51 12.26
C CYS B 327 13.99 7.37 13.59
N LEU B 328 14.65 7.84 14.63
CA LEU B 328 14.16 7.70 15.99
C LEU B 328 14.95 8.64 16.89
N GLY B 329 14.26 9.37 17.76
CA GLY B 329 14.93 10.31 18.62
C GLY B 329 14.13 10.76 19.82
N VAL B 330 14.74 10.70 21.00
CA VAL B 330 14.12 11.13 22.24
C VAL B 330 14.46 12.60 22.47
N THR B 331 13.48 13.36 22.97
CA THR B 331 13.66 14.79 23.21
C THR B 331 14.80 15.04 24.20
N ASP B 332 15.32 16.26 24.20
CA ASP B 332 16.43 16.59 25.10
C ASP B 332 16.02 16.45 26.56
N ASP B 333 14.80 16.86 26.90
CA ASP B 333 14.30 16.66 28.25
C ASP B 333 13.66 15.30 28.44
N GLY B 334 13.63 14.46 27.41
CA GLY B 334 13.19 13.09 27.56
C GLY B 334 11.71 12.89 27.75
N MET B 335 10.89 13.87 27.38
CA MET B 335 9.44 13.73 27.57
C MET B 335 8.82 12.79 26.56
N ALA B 336 9.23 12.86 25.29
CA ALA B 336 8.56 12.14 24.23
C ALA B 336 9.57 11.51 23.30
N VAL B 337 9.12 10.48 22.59
CA VAL B 337 9.92 9.77 21.60
C VAL B 337 9.20 9.89 20.26
N ALA B 338 9.94 10.26 19.21
CA ALA B 338 9.36 10.34 17.89
C ALA B 338 10.07 9.36 16.95
N THR B 339 9.29 8.81 16.02
CA THR B 339 9.82 7.86 15.06
C THR B 339 9.40 8.30 13.65
N GLY B 340 10.19 7.88 12.68
CA GLY B 340 9.84 8.09 11.29
C GLY B 340 9.87 6.76 10.56
N SER B 341 9.24 6.76 9.38
CA SER B 341 9.12 5.51 8.64
C SER B 341 8.95 5.83 7.16
N TRP B 342 9.11 4.79 6.34
CA TRP B 342 9.00 4.92 4.89
C TRP B 342 7.57 5.14 4.42
N ASP B 343 6.58 5.02 5.30
CA ASP B 343 5.21 5.35 4.92
C ASP B 343 4.91 6.83 5.05
N SER B 344 5.90 7.64 5.40
CA SER B 344 5.84 9.11 5.47
C SER B 344 5.01 9.61 6.64
N PHE B 345 4.96 8.88 7.75
CA PHE B 345 4.25 9.32 8.95
C PHE B 345 5.21 9.33 10.12
N LEU B 346 5.20 10.42 10.88
CA LEU B 346 5.91 10.52 12.14
C LEU B 346 4.92 10.35 13.29
N LYS B 347 5.38 9.70 14.36
CA LYS B 347 4.51 9.43 15.50
C LYS B 347 5.24 9.78 16.79
N ILE B 348 4.57 10.51 17.67
CA ILE B 348 5.14 10.91 18.95
C ILE B 348 4.67 9.92 20.00
N TRP B 349 5.62 9.19 20.59
CA TRP B 349 5.33 8.22 21.63
C TRP B 349 5.70 8.76 22.99
N ASN B 350 4.88 8.44 23.99
CA ASN B 350 5.12 8.90 25.35
C ASN B 350 4.41 8.00 26.36
N ALA C 7 49.26 4.01 -2.31
CA ALA C 7 49.84 2.68 -2.43
C ALA C 7 49.42 1.79 -1.27
N SER C 8 49.50 0.47 -1.47
CA SER C 8 49.15 -0.47 -0.41
C SER C 8 50.15 -0.40 0.74
N ILE C 9 51.41 -0.12 0.43
CA ILE C 9 52.43 -0.01 1.48
C ILE C 9 52.11 1.14 2.41
N ALA C 10 51.68 2.28 1.85
CA ALA C 10 51.32 3.42 2.68
C ALA C 10 50.12 3.10 3.57
N GLN C 11 49.13 2.39 3.04
CA GLN C 11 47.98 2.00 3.85
C GLN C 11 48.38 1.07 4.98
N ALA C 12 49.25 0.10 4.68
CA ALA C 12 49.72 -0.82 5.72
C ALA C 12 50.49 -0.06 6.80
N ARG C 13 51.34 0.87 6.39
CA ARG C 13 52.09 1.67 7.36
C ARG C 13 51.15 2.50 8.24
N LYS C 14 50.14 3.11 7.63
CA LYS C 14 49.18 3.89 8.40
C LYS C 14 48.43 3.02 9.39
N LEU C 15 48.00 1.83 8.96
CA LEU C 15 47.30 0.92 9.87
C LEU C 15 48.19 0.48 11.02
N VAL C 16 49.45 0.18 10.72
CA VAL C 16 50.38 -0.26 11.76
C VAL C 16 50.63 0.88 12.76
N GLU C 17 50.79 2.10 12.26
CA GLU C 17 50.98 3.25 13.15
C GLU C 17 49.75 3.48 14.02
N GLN C 18 48.56 3.36 13.44
CA GLN C 18 47.33 3.53 14.22
C GLN C 18 47.22 2.46 15.30
N LEU C 19 47.57 1.22 14.98
CA LEU C 19 47.54 0.16 15.98
C LEU C 19 48.56 0.41 17.09
N LYS C 20 49.75 0.88 16.72
CA LYS C 20 50.74 1.23 17.75
C LYS C 20 50.23 2.32 18.67
N MET C 21 49.56 3.34 18.09
CA MET C 21 49.00 4.39 18.92
C MET C 21 47.93 3.83 19.86
N GLU C 22 47.03 3.01 19.33
CA GLU C 22 45.96 2.44 20.16
C GLU C 22 46.48 1.46 21.18
N ALA C 23 47.71 0.96 21.02
CA ALA C 23 48.28 0.05 22.00
C ALA C 23 48.46 0.74 23.35
N ASN C 24 48.94 1.98 23.36
CA ASN C 24 49.26 2.69 24.60
C ASN C 24 48.12 3.65 24.94
N ILE C 25 47.01 3.08 25.42
CA ILE C 25 45.92 3.86 25.98
C ILE C 25 45.53 3.23 27.31
N ASP C 26 45.08 4.07 28.25
CA ASP C 26 44.72 3.59 29.57
C ASP C 26 43.36 2.89 29.55
N ARG C 27 43.23 1.82 30.32
CA ARG C 27 42.00 1.06 30.41
C ARG C 27 41.69 0.76 31.86
N ILE C 28 40.41 0.56 32.15
CA ILE C 28 39.94 0.26 33.50
C ILE C 28 39.15 -1.05 33.46
N LYS C 29 38.95 -1.62 34.64
CA LYS C 29 38.20 -2.87 34.74
C LYS C 29 36.75 -2.64 34.33
N VAL C 30 36.16 -3.67 33.73
CA VAL C 30 34.78 -3.56 33.26
C VAL C 30 33.81 -3.44 34.44
N SER C 31 34.16 -4.02 35.59
CA SER C 31 33.29 -3.92 36.75
C SER C 31 33.12 -2.48 37.22
N LYS C 32 34.21 -1.72 37.23
CA LYS C 32 34.14 -0.32 37.63
C LYS C 32 33.26 0.48 36.68
N ALA C 33 33.40 0.24 35.37
CA ALA C 33 32.58 0.93 34.39
C ALA C 33 31.11 0.57 34.53
N ALA C 34 30.82 -0.71 34.77
CA ALA C 34 29.45 -1.14 34.99
C ALA C 34 28.86 -0.48 36.23
N ALA C 35 29.64 -0.39 37.30
CA ALA C 35 29.18 0.29 38.50
C ALA C 35 28.91 1.76 38.23
N ASP C 36 29.77 2.42 37.46
CA ASP C 36 29.56 3.83 37.13
C ASP C 36 28.29 4.03 36.32
N LEU C 37 28.06 3.16 35.33
CA LEU C 37 26.85 3.27 34.52
C LEU C 37 25.60 3.03 35.37
N MET C 38 25.64 2.04 36.25
CA MET C 38 24.50 1.77 37.13
C MET C 38 24.25 2.96 38.05
N ALA C 39 25.33 3.55 38.59
CA ALA C 39 25.17 4.72 39.46
C ALA C 39 24.56 5.89 38.71
N TYR C 40 25.00 6.13 37.48
CA TYR C 40 24.39 7.22 36.70
C TYR C 40 22.93 6.94 36.41
N CYS C 41 22.58 5.69 36.08
CA CYS C 41 21.18 5.36 35.81
C CYS C 41 20.33 5.52 37.06
N GLU C 42 20.86 5.15 38.23
CA GLU C 42 20.10 5.26 39.47
C GLU C 42 19.92 6.72 39.87
N ALA C 43 20.96 7.53 39.71
CA ALA C 43 20.88 8.92 40.15
C ALA C 43 19.84 9.71 39.37
N HIS C 44 19.55 9.31 38.13
CA HIS C 44 18.60 10.01 37.29
C HIS C 44 17.33 9.21 37.06
N ALA C 45 17.01 8.27 37.95
CA ALA C 45 15.84 7.43 37.76
C ALA C 45 14.55 8.24 37.79
N LYS C 46 14.44 9.18 38.73
CA LYS C 46 13.24 10.00 38.85
C LYS C 46 13.18 11.12 37.83
N GLU C 47 14.29 11.41 37.14
CA GLU C 47 14.36 12.47 36.15
C GLU C 47 13.83 12.04 34.79
N ASP C 48 13.68 10.74 34.54
CA ASP C 48 13.29 10.23 33.24
C ASP C 48 11.79 10.08 33.17
N PRO C 49 11.08 10.88 32.36
CA PRO C 49 9.63 10.68 32.22
C PRO C 49 9.25 9.33 31.64
N LEU C 50 10.06 8.80 30.71
CA LEU C 50 9.71 7.54 30.05
C LEU C 50 9.77 6.37 31.01
N LEU C 51 10.75 6.36 31.92
CA LEU C 51 10.86 5.27 32.88
C LEU C 51 9.69 5.30 33.86
N THR C 52 9.43 6.46 34.45
CA THR C 52 8.34 6.63 35.42
C THR C 52 7.31 7.59 34.83
N PRO C 53 6.21 7.08 34.27
CA PRO C 53 5.24 7.97 33.63
C PRO C 53 4.66 8.98 34.61
N VAL C 54 4.88 10.26 34.32
CA VAL C 54 4.35 11.36 35.12
C VAL C 54 2.89 11.56 34.72
N PRO C 55 2.05 12.11 35.59
CA PRO C 55 0.62 12.21 35.26
C PRO C 55 0.35 13.16 34.12
N ALA C 56 -0.90 13.11 33.63
CA ALA C 56 -1.31 13.92 32.49
C ALA C 56 -1.23 15.41 32.78
N SER C 57 -1.22 15.81 34.05
CA SER C 57 -1.06 17.22 34.39
C SER C 57 0.32 17.76 34.01
N GLU C 58 1.29 16.87 33.80
CA GLU C 58 2.63 17.27 33.39
C GLU C 58 2.94 16.92 31.94
N ASN C 59 2.20 16.01 31.33
CA ASN C 59 2.44 15.63 29.95
C ASN C 59 1.99 16.73 29.00
N PRO C 60 2.88 17.30 28.18
CA PRO C 60 2.42 18.20 27.12
C PRO C 60 1.82 17.47 25.93
N PHE C 61 2.15 16.19 25.76
CA PHE C 61 1.59 15.37 24.69
C PHE C 61 0.43 14.53 25.21
N ARG C 62 -0.66 15.22 25.55
CA ARG C 62 -1.82 14.56 26.12
C ARG C 62 -2.91 14.39 25.07
N GLN D 1 36.00 -9.19 15.28
CA GLN D 1 36.27 -8.66 13.95
C GLN D 1 36.05 -9.73 12.88
N VAL D 2 35.45 -9.33 11.76
CA VAL D 2 35.19 -10.26 10.67
C VAL D 2 36.52 -10.58 9.99
N GLN D 3 37.05 -11.77 10.24
CA GLN D 3 38.35 -12.19 9.74
C GLN D 3 38.18 -13.38 8.82
N LEU D 4 38.72 -13.27 7.60
CA LEU D 4 38.72 -14.36 6.64
C LEU D 4 40.16 -14.61 6.20
N GLN D 5 40.61 -15.85 6.35
CA GLN D 5 41.99 -16.24 6.03
C GLN D 5 41.96 -17.47 5.14
N GLU D 6 42.49 -17.36 3.93
CA GLU D 6 42.54 -18.46 2.99
C GLU D 6 43.93 -19.09 2.95
N SER D 7 43.97 -20.33 2.49
CA SER D 7 45.23 -21.08 2.42
C SER D 7 45.06 -22.18 1.39
N GLY D 8 46.19 -22.81 1.04
CA GLY D 8 46.22 -23.89 0.09
C GLY D 8 46.71 -23.51 -1.29
N GLY D 9 46.90 -22.23 -1.57
CA GLY D 9 47.41 -21.83 -2.87
C GLY D 9 48.88 -22.12 -3.03
N GLY D 10 49.34 -22.09 -4.28
CA GLY D 10 50.73 -22.36 -4.57
C GLY D 10 50.96 -22.49 -6.06
N LEU D 11 52.06 -23.16 -6.40
CA LEU D 11 52.45 -23.38 -7.79
C LEU D 11 52.03 -24.78 -8.23
N VAL D 12 51.41 -24.87 -9.39
CA VAL D 12 50.97 -26.15 -9.93
C VAL D 12 51.09 -26.11 -11.45
N GLN D 13 51.40 -27.26 -12.03
CA GLN D 13 51.50 -27.36 -13.48
C GLN D 13 50.10 -27.40 -14.08
N PRO D 14 49.94 -27.00 -15.35
CA PRO D 14 48.62 -27.09 -15.98
C PRO D 14 48.11 -28.54 -16.00
N GLY D 15 46.80 -28.68 -15.84
CA GLY D 15 46.18 -29.98 -15.76
C GLY D 15 46.20 -30.63 -14.39
N GLY D 16 46.77 -29.96 -13.39
CA GLY D 16 46.84 -30.49 -12.05
C GLY D 16 45.63 -30.13 -11.21
N SER D 17 45.79 -30.27 -9.90
CA SER D 17 44.73 -29.98 -8.95
C SER D 17 45.29 -29.17 -7.78
N LEU D 18 44.42 -28.41 -7.13
CA LEU D 18 44.81 -27.56 -6.02
C LEU D 18 43.57 -27.21 -5.22
N ARG D 19 43.65 -27.34 -3.90
CA ARG D 19 42.52 -27.07 -3.02
C ARG D 19 42.76 -25.79 -2.24
N LEU D 20 41.78 -24.90 -2.24
CA LEU D 20 41.82 -23.66 -1.47
C LEU D 20 40.85 -23.78 -0.30
N SER D 21 41.34 -23.48 0.90
CA SER D 21 40.56 -23.54 2.12
C SER D 21 40.60 -22.19 2.83
N CYS D 22 39.44 -21.76 3.32
CA CYS D 22 39.31 -20.49 4.02
C CYS D 22 38.75 -20.74 5.41
N ALA D 23 39.32 -20.07 6.40
CA ALA D 23 38.90 -20.19 7.79
C ALA D 23 38.25 -18.88 8.24
N ALA D 24 37.03 -18.97 8.74
CA ALA D 24 36.24 -17.81 9.13
C ALA D 24 36.05 -17.79 10.64
N SER D 25 36.20 -16.61 11.24
CA SER D 25 36.02 -16.45 12.67
C SER D 25 35.47 -15.05 12.92
N GLY D 26 34.86 -14.88 14.10
CA GLY D 26 34.27 -13.62 14.49
C GLY D 26 32.82 -13.44 14.13
N PHE D 27 32.22 -14.39 13.40
CA PHE D 27 30.81 -14.31 13.06
C PHE D 27 30.26 -15.72 12.91
N THR D 28 28.94 -15.83 13.03
CA THR D 28 28.27 -17.13 12.88
C THR D 28 28.32 -17.54 11.41
N PHE D 29 29.11 -18.58 11.12
CA PHE D 29 29.39 -18.93 9.73
C PHE D 29 28.13 -19.41 9.01
N SER D 30 27.28 -20.17 9.71
CA SER D 30 26.13 -20.80 9.05
C SER D 30 25.10 -19.80 8.57
N ASN D 31 25.06 -18.59 9.14
CA ASN D 31 24.05 -17.62 8.73
C ASN D 31 24.39 -16.96 7.41
N TYR D 32 25.67 -16.76 7.10
CA TYR D 32 26.08 -15.93 5.98
C TYR D 32 26.37 -16.75 4.74
N LYS D 33 25.93 -16.24 3.60
CA LYS D 33 26.31 -16.78 2.30
C LYS D 33 27.78 -16.46 2.01
N MET D 34 28.45 -17.38 1.32
CA MET D 34 29.87 -17.23 1.02
C MET D 34 30.12 -17.26 -0.48
N ASN D 35 31.19 -16.60 -0.89
CA ASN D 35 31.55 -16.48 -2.30
C ASN D 35 33.04 -16.78 -2.46
N TRP D 36 33.48 -16.84 -3.71
CA TRP D 36 34.89 -16.83 -4.07
C TRP D 36 35.11 -15.79 -5.14
N VAL D 37 36.18 -15.01 -5.02
CA VAL D 37 36.49 -13.93 -5.94
C VAL D 37 37.96 -14.00 -6.30
N ARG D 38 38.26 -13.85 -7.60
CA ARG D 38 39.64 -13.88 -8.08
C ARG D 38 39.94 -12.62 -8.87
N GLN D 39 41.22 -12.26 -8.91
CA GLN D 39 41.69 -11.07 -9.62
C GLN D 39 42.88 -11.46 -10.48
N ALA D 40 42.68 -11.52 -11.80
CA ALA D 40 43.77 -11.81 -12.71
C ALA D 40 44.68 -10.59 -12.85
N PRO D 41 45.97 -10.81 -13.06
CA PRO D 41 46.90 -9.68 -13.21
C PRO D 41 46.50 -8.79 -14.39
N GLY D 42 46.53 -7.48 -14.15
CA GLY D 42 46.12 -6.53 -15.17
C GLY D 42 44.63 -6.47 -15.41
N LYS D 43 43.82 -7.10 -14.56
CA LYS D 43 42.38 -7.15 -14.72
C LYS D 43 41.70 -6.74 -13.43
N GLY D 44 40.37 -6.65 -13.48
CA GLY D 44 39.58 -6.35 -12.31
C GLY D 44 39.28 -7.59 -11.48
N LEU D 45 38.42 -7.38 -10.49
CA LEU D 45 38.02 -8.47 -9.61
C LEU D 45 36.91 -9.27 -10.27
N GLU D 46 37.10 -10.58 -10.40
CA GLU D 46 36.17 -11.45 -11.11
C GLU D 46 35.54 -12.43 -10.14
N TRP D 47 34.21 -12.54 -10.20
CA TRP D 47 33.50 -13.51 -9.38
C TRP D 47 33.71 -14.91 -9.92
N VAL D 48 33.82 -15.89 -9.02
CA VAL D 48 34.10 -17.27 -9.37
C VAL D 48 32.94 -18.20 -9.02
N SER D 49 32.50 -18.18 -7.77
CA SER D 49 31.47 -19.10 -7.31
C SER D 49 30.82 -18.53 -6.06
N ASP D 50 29.84 -19.28 -5.54
CA ASP D 50 29.21 -18.95 -4.27
C ASP D 50 28.53 -20.21 -3.74
N ILE D 51 27.84 -20.06 -2.62
CA ILE D 51 27.14 -21.18 -1.98
C ILE D 51 26.19 -20.60 -0.95
N SER D 52 25.01 -21.21 -0.82
CA SER D 52 24.00 -20.70 0.08
C SER D 52 24.36 -21.03 1.54
N GLN D 53 23.41 -20.74 2.43
CA GLN D 53 23.64 -20.93 3.86
C GLN D 53 23.89 -22.40 4.19
N SER D 54 23.03 -23.28 3.68
CA SER D 54 23.14 -24.70 3.95
C SER D 54 23.89 -25.46 2.86
N GLY D 55 24.25 -24.80 1.76
CA GLY D 55 24.92 -25.46 0.66
C GLY D 55 24.01 -26.09 -0.36
N ALA D 56 22.69 -25.97 -0.21
CA ALA D 56 21.77 -26.58 -1.16
C ALA D 56 21.80 -25.91 -2.53
N SER D 57 22.18 -24.64 -2.60
CA SER D 57 22.24 -23.91 -3.85
C SER D 57 23.68 -23.49 -4.13
N ILE D 58 24.17 -23.86 -5.31
CA ILE D 58 25.56 -23.60 -5.70
C ILE D 58 25.55 -23.06 -7.13
N SER D 59 26.39 -22.06 -7.37
CA SER D 59 26.53 -21.50 -8.71
C SER D 59 28.01 -21.25 -8.99
N TYR D 60 28.37 -21.34 -10.26
CA TYR D 60 29.74 -21.14 -10.71
C TYR D 60 29.75 -20.13 -11.84
N THR D 61 30.89 -19.45 -12.01
CA THR D 61 31.10 -18.65 -13.20
C THR D 61 31.29 -19.57 -14.40
N GLY D 62 31.03 -19.05 -15.59
CA GLY D 62 31.00 -19.90 -16.76
C GLY D 62 32.34 -20.56 -17.07
N SER D 63 33.43 -19.80 -16.92
CA SER D 63 34.72 -20.29 -17.36
C SER D 63 35.25 -21.45 -16.52
N VAL D 64 34.69 -21.69 -15.34
CA VAL D 64 35.18 -22.73 -14.44
C VAL D 64 34.14 -23.83 -14.22
N LYS D 65 33.02 -23.78 -14.94
CA LYS D 65 31.97 -24.76 -14.74
C LYS D 65 32.48 -26.18 -15.01
N GLY D 66 32.19 -27.09 -14.09
CA GLY D 66 32.62 -28.46 -14.19
C GLY D 66 34.02 -28.73 -13.66
N ARG D 67 34.90 -27.72 -13.68
CA ARG D 67 36.28 -27.91 -13.22
C ARG D 67 36.42 -27.66 -11.72
N PHE D 68 35.75 -26.65 -11.19
CA PHE D 68 35.86 -26.32 -9.78
C PHE D 68 34.71 -26.92 -8.99
N THR D 69 34.86 -26.91 -7.66
CA THR D 69 33.84 -27.44 -6.76
C THR D 69 33.98 -26.75 -5.41
N ILE D 70 32.87 -26.24 -4.89
CA ILE D 70 32.85 -25.47 -3.66
C ILE D 70 31.99 -26.19 -2.64
N SER D 71 32.51 -26.33 -1.42
CA SER D 71 31.75 -26.90 -0.32
C SER D 71 32.10 -26.16 0.95
N ARG D 72 31.16 -26.13 1.89
CA ARG D 72 31.33 -25.45 3.16
C ARG D 72 31.07 -26.41 4.30
N ASP D 73 31.73 -26.16 5.43
CA ASP D 73 31.59 -26.96 6.64
C ASP D 73 31.16 -26.01 7.75
N ASN D 74 29.85 -25.91 7.98
CA ASN D 74 29.34 -25.00 9.00
C ASN D 74 29.77 -25.42 10.39
N ALA D 75 29.90 -26.73 10.64
CA ALA D 75 30.34 -27.20 11.95
C ALA D 75 31.75 -26.73 12.26
N LYS D 76 32.65 -26.80 11.29
CA LYS D 76 34.04 -26.38 11.48
C LYS D 76 34.28 -24.94 11.08
N ASN D 77 33.26 -24.24 10.57
CA ASN D 77 33.35 -22.82 10.20
C ASN D 77 34.49 -22.59 9.20
N THR D 78 34.36 -23.23 8.04
CA THR D 78 35.37 -23.10 6.99
C THR D 78 34.71 -23.31 5.63
N LEU D 79 35.39 -22.80 4.60
CA LEU D 79 34.92 -22.87 3.22
C LEU D 79 36.03 -23.43 2.34
N TYR D 80 35.67 -24.33 1.43
CA TYR D 80 36.63 -24.98 0.56
C TYR D 80 36.34 -24.65 -0.90
N LEU D 81 37.34 -24.95 -1.74
CA LEU D 81 37.20 -24.86 -3.20
C LEU D 81 38.15 -25.88 -3.81
N GLN D 82 37.61 -26.93 -4.42
CA GLN D 82 38.40 -27.95 -5.07
C GLN D 82 38.58 -27.57 -6.53
N MET D 83 39.82 -27.29 -6.92
CA MET D 83 40.14 -26.91 -8.30
C MET D 83 40.80 -28.09 -9.00
N ASN D 84 40.27 -28.46 -10.15
CA ASN D 84 40.75 -29.59 -10.93
C ASN D 84 40.96 -29.18 -12.38
N SER D 85 41.95 -29.80 -13.02
CA SER D 85 42.29 -29.55 -14.42
C SER D 85 42.53 -28.06 -14.65
N LEU D 86 43.56 -27.54 -13.99
CA LEU D 86 43.86 -26.13 -14.03
C LEU D 86 44.37 -25.71 -15.41
N LYS D 87 44.29 -24.42 -15.67
CA LYS D 87 44.70 -23.81 -16.93
C LYS D 87 45.61 -22.62 -16.64
N PRO D 88 46.47 -22.25 -17.59
CA PRO D 88 47.32 -21.06 -17.38
C PRO D 88 46.53 -19.79 -17.14
N GLU D 89 45.34 -19.66 -17.73
CA GLU D 89 44.51 -18.48 -17.53
C GLU D 89 43.92 -18.40 -16.13
N ASP D 90 44.04 -19.46 -15.33
CA ASP D 90 43.51 -19.45 -13.97
C ASP D 90 44.42 -18.75 -12.96
N THR D 91 45.60 -18.31 -13.38
CA THR D 91 46.52 -17.63 -12.47
C THR D 91 45.93 -16.31 -12.03
N ALA D 92 45.61 -16.21 -10.74
CA ALA D 92 45.00 -15.01 -10.18
C ALA D 92 45.07 -15.10 -8.66
N VAL D 93 44.83 -13.96 -8.02
CA VAL D 93 44.75 -13.91 -6.56
C VAL D 93 43.32 -14.25 -6.16
N TYR D 94 43.15 -15.29 -5.33
CA TYR D 94 41.84 -15.79 -4.96
C TYR D 94 41.47 -15.29 -3.57
N TYR D 95 40.49 -14.40 -3.50
CA TYR D 95 39.95 -13.90 -2.25
C TYR D 95 38.67 -14.65 -1.91
N CYS D 96 38.35 -14.70 -0.62
CA CYS D 96 37.09 -15.23 -0.14
C CYS D 96 36.21 -14.06 0.29
N ALA D 97 35.03 -13.96 -0.31
CA ALA D 97 34.10 -12.88 -0.04
C ALA D 97 32.94 -13.41 0.79
N ARG D 98 32.31 -12.51 1.55
CA ARG D 98 31.18 -12.85 2.40
C ARG D 98 30.02 -11.91 2.10
N CYS D 99 28.81 -12.44 2.18
CA CYS D 99 27.64 -11.61 1.97
C CYS D 99 27.55 -10.54 3.06
N PRO D 100 27.27 -9.29 2.71
CA PRO D 100 27.25 -8.24 3.75
C PRO D 100 26.21 -8.47 4.83
N ALA D 101 25.06 -9.07 4.52
CA ALA D 101 24.00 -9.28 5.48
C ALA D 101 23.81 -10.78 5.74
N PRO D 102 23.35 -11.16 6.94
CA PRO D 102 23.24 -12.59 7.27
C PRO D 102 22.23 -13.37 6.43
N PHE D 103 20.96 -12.98 6.47
CA PHE D 103 19.89 -13.81 5.94
C PHE D 103 19.40 -13.39 4.56
N THR D 104 20.11 -12.50 3.88
CA THR D 104 19.70 -12.04 2.56
C THR D 104 20.41 -12.84 1.48
N ARG D 105 19.67 -13.20 0.43
CA ARG D 105 20.26 -13.91 -0.68
C ARG D 105 20.86 -12.98 -1.73
N ASP D 106 20.63 -11.67 -1.62
CA ASP D 106 21.37 -10.72 -2.44
C ASP D 106 22.77 -10.55 -1.87
N CYS D 107 23.75 -10.48 -2.76
CA CYS D 107 25.17 -10.50 -2.39
C CYS D 107 25.88 -9.29 -2.98
N PHE D 108 25.33 -8.11 -2.72
CA PHE D 108 25.90 -6.87 -3.23
C PHE D 108 27.36 -6.71 -2.84
N ASP D 109 28.15 -6.14 -3.76
CA ASP D 109 29.43 -5.49 -3.52
C ASP D 109 30.61 -6.42 -3.27
N VAL D 110 30.47 -7.74 -3.45
CA VAL D 110 31.54 -8.65 -3.08
C VAL D 110 32.78 -8.43 -3.96
N THR D 111 32.57 -8.11 -5.23
CA THR D 111 33.66 -7.94 -6.17
C THR D 111 34.17 -6.51 -6.24
N SER D 112 33.69 -5.62 -5.39
CA SER D 112 34.13 -4.24 -5.40
C SER D 112 35.58 -4.13 -4.94
N THR D 113 36.21 -3.01 -5.30
CA THR D 113 37.65 -2.86 -5.06
C THR D 113 37.97 -2.82 -3.57
N THR D 114 37.08 -2.24 -2.77
CA THR D 114 37.34 -2.00 -1.35
C THR D 114 36.27 -2.63 -0.48
N TYR D 115 35.96 -3.89 -0.73
CA TYR D 115 35.03 -4.61 0.14
C TYR D 115 35.63 -4.81 1.51
N ALA D 116 34.79 -4.68 2.55
CA ALA D 116 35.26 -4.64 3.92
C ALA D 116 35.29 -6.01 4.59
N TYR D 117 34.53 -6.98 4.10
CA TYR D 117 34.48 -8.32 4.66
C TYR D 117 35.03 -9.35 3.68
N ARG D 118 36.16 -9.03 3.05
CA ARG D 118 36.82 -9.93 2.11
C ARG D 118 38.22 -10.23 2.61
N GLY D 119 38.67 -11.46 2.35
CA GLY D 119 39.95 -11.90 2.84
C GLY D 119 41.11 -11.26 2.11
N GLN D 120 42.32 -11.49 2.65
CA GLN D 120 43.53 -10.92 2.06
C GLN D 120 43.81 -11.50 0.69
N GLY D 121 43.61 -12.80 0.53
CA GLY D 121 43.81 -13.46 -0.75
C GLY D 121 45.11 -14.23 -0.82
N THR D 122 45.11 -15.29 -1.62
CA THR D 122 46.28 -16.15 -1.79
C THR D 122 46.61 -16.24 -3.28
N GLN D 123 47.90 -16.06 -3.59
CA GLN D 123 48.35 -16.19 -4.96
C GLN D 123 48.27 -17.64 -5.43
N VAL D 124 47.67 -17.84 -6.59
CA VAL D 124 47.63 -19.15 -7.25
C VAL D 124 48.12 -18.96 -8.68
N THR D 125 49.24 -19.59 -9.00
CA THR D 125 49.85 -19.48 -10.32
C THR D 125 49.96 -20.87 -10.93
N VAL D 126 49.60 -20.97 -12.21
CA VAL D 126 49.62 -22.25 -12.89
C VAL D 126 50.79 -22.32 -13.87
N HIS E 1 -36.16 -0.82 -13.53
CA HIS E 1 -35.54 -1.77 -12.60
C HIS E 1 -36.61 -2.62 -11.94
N ALA E 2 -36.27 -3.89 -11.71
CA ALA E 2 -37.29 -4.86 -11.30
C ALA E 2 -37.88 -4.57 -9.93
N GLU E 3 -37.20 -3.78 -9.10
CA GLU E 3 -37.80 -3.40 -7.82
C GLU E 3 -39.04 -2.55 -8.02
N GLY E 4 -38.97 -1.54 -8.88
CA GLY E 4 -40.13 -0.71 -9.13
C GLY E 4 -41.26 -1.46 -9.80
N THR E 5 -40.93 -2.29 -10.79
CA THR E 5 -41.96 -3.08 -11.47
C THR E 5 -42.60 -4.09 -10.52
N PHE E 6 -41.79 -4.74 -9.69
CA PHE E 6 -42.33 -5.65 -8.69
C PHE E 6 -43.23 -4.93 -7.71
N THR E 7 -42.84 -3.73 -7.27
CA THR E 7 -43.68 -2.94 -6.39
C THR E 7 -45.01 -2.60 -7.05
N SER E 8 -44.97 -2.20 -8.33
CA SER E 8 -46.20 -1.90 -9.05
C SER E 8 -47.10 -3.15 -9.14
N ASP E 9 -46.49 -4.30 -9.42
CA ASP E 9 -47.28 -5.53 -9.56
C ASP E 9 -47.93 -5.92 -8.25
N VAL E 10 -47.18 -5.87 -7.14
CA VAL E 10 -47.77 -6.29 -5.86
C VAL E 10 -48.83 -5.28 -5.43
N SER E 11 -48.60 -3.99 -5.69
CA SER E 11 -49.61 -2.99 -5.37
C SER E 11 -50.89 -3.22 -6.17
N SER E 12 -50.77 -3.53 -7.46
CA SER E 12 -51.96 -3.79 -8.26
C SER E 12 -52.71 -5.03 -7.77
N TYR E 13 -51.96 -6.09 -7.44
CA TYR E 13 -52.61 -7.32 -6.96
C TYR E 13 -53.32 -7.08 -5.64
N LEU E 14 -52.68 -6.33 -4.73
CA LEU E 14 -53.31 -6.05 -3.46
C LEU E 14 -54.50 -5.10 -3.62
N GLU E 15 -54.45 -4.23 -4.62
CA GLU E 15 -55.61 -3.40 -4.94
C GLU E 15 -56.79 -4.28 -5.37
N GLY E 16 -56.51 -5.26 -6.23
CA GLY E 16 -57.57 -6.17 -6.64
C GLY E 16 -58.13 -6.98 -5.48
N GLN E 17 -57.23 -7.46 -4.61
CA GLN E 17 -57.67 -8.21 -3.43
C GLN E 17 -58.49 -7.32 -2.50
N ALA E 18 -58.09 -6.06 -2.34
CA ALA E 18 -58.85 -5.13 -1.51
C ALA E 18 -60.23 -4.87 -2.09
N ALA E 19 -60.32 -4.74 -3.41
CA ALA E 19 -61.63 -4.58 -4.05
C ALA E 19 -62.51 -5.80 -3.82
N LYS E 20 -61.93 -7.00 -3.94
CA LYS E 20 -62.68 -8.22 -3.67
C LYS E 20 -63.15 -8.27 -2.22
N GLU E 21 -62.29 -7.89 -1.28
CA GLU E 21 -62.69 -7.86 0.13
C GLU E 21 -63.78 -6.82 0.37
N PHE E 22 -63.69 -5.69 -0.32
CA PHE E 22 -64.73 -4.65 -0.22
C PHE E 22 -66.07 -5.20 -0.67
N ILE E 23 -66.10 -5.90 -1.81
CA ILE E 23 -67.37 -6.42 -2.29
C ILE E 23 -67.88 -7.53 -1.37
N ALA E 24 -66.97 -8.34 -0.82
CA ALA E 24 -67.39 -9.39 0.11
C ALA E 24 -67.98 -8.80 1.37
N TRP E 25 -67.36 -7.74 1.91
CA TRP E 25 -67.88 -7.06 3.07
C TRP E 25 -69.22 -6.40 2.77
N LEU E 26 -69.41 -5.93 1.53
CA LEU E 26 -70.70 -5.39 1.13
C LEU E 26 -71.78 -6.48 1.09
N VAL E 27 -71.40 -7.70 0.70
CA VAL E 27 -72.36 -8.79 0.63
C VAL E 27 -72.95 -9.09 2.01
N LYS E 28 -72.09 -9.13 3.03
CA LYS E 28 -72.52 -9.53 4.37
C LYS E 28 -73.24 -8.42 5.13
N GLY E 29 -73.66 -7.35 4.44
CA GLY E 29 -74.43 -6.31 5.10
C GLY E 29 -73.64 -5.37 5.97
N ARG E 30 -72.34 -5.26 5.74
CA ARG E 30 -71.47 -4.34 6.50
C ARG E 30 -71.56 -4.58 8.00
N THR F 38 -55.76 -3.50 -13.44
CA THR F 38 -56.86 -3.83 -12.54
C THR F 38 -57.55 -2.56 -12.03
N VAL F 39 -58.83 -2.69 -11.70
CA VAL F 39 -59.59 -1.54 -11.22
C VAL F 39 -59.12 -1.16 -9.82
N SER F 40 -59.14 0.14 -9.53
CA SER F 40 -58.69 0.64 -8.25
C SER F 40 -59.81 0.57 -7.21
N LEU F 41 -59.42 0.43 -5.95
CA LEU F 41 -60.40 0.39 -4.86
C LEU F 41 -61.13 1.72 -4.73
N TRP F 42 -60.42 2.83 -4.95
CA TRP F 42 -61.04 4.15 -4.85
C TRP F 42 -62.14 4.33 -5.89
N GLU F 43 -61.89 3.86 -7.11
CA GLU F 43 -62.93 3.94 -8.16
C GLU F 43 -64.14 3.10 -7.79
N THR F 44 -63.92 1.91 -7.22
CA THR F 44 -65.03 1.08 -6.78
C THR F 44 -65.82 1.77 -5.67
N VAL F 45 -65.12 2.43 -4.74
CA VAL F 45 -65.79 3.16 -3.67
C VAL F 45 -66.64 4.29 -4.25
N GLN F 46 -66.09 5.04 -5.21
CA GLN F 46 -66.84 6.14 -5.82
C GLN F 46 -68.07 5.62 -6.55
N LYS F 47 -67.91 4.53 -7.30
CA LYS F 47 -69.04 3.96 -8.04
C LYS F 47 -70.12 3.46 -7.09
N TRP F 48 -69.72 2.78 -6.01
CA TRP F 48 -70.70 2.33 -5.03
C TRP F 48 -71.41 3.51 -4.36
N ARG F 49 -70.66 4.56 -4.03
CA ARG F 49 -71.28 5.73 -3.41
C ARG F 49 -72.29 6.38 -4.35
N GLU F 50 -71.95 6.51 -5.63
CA GLU F 50 -72.88 7.08 -6.59
C GLU F 50 -74.12 6.20 -6.74
N TYR F 51 -73.94 4.88 -6.82
CA TYR F 51 -75.07 3.97 -6.94
C TYR F 51 -75.97 4.06 -5.72
N ARG F 52 -75.38 4.06 -4.53
CA ARG F 52 -76.16 4.14 -3.30
C ARG F 52 -76.93 5.45 -3.21
N ARG F 53 -76.28 6.56 -3.55
CA ARG F 53 -76.93 7.86 -3.51
C ARG F 53 -78.11 7.91 -4.48
N GLN F 54 -77.89 7.46 -5.71
CA GLN F 54 -78.97 7.48 -6.71
C GLN F 54 -80.12 6.58 -6.29
N CYS F 55 -79.82 5.38 -5.79
CA CYS F 55 -80.87 4.45 -5.40
C CYS F 55 -81.67 4.99 -4.21
N GLN F 56 -80.98 5.54 -3.20
CA GLN F 56 -81.68 6.09 -2.05
C GLN F 56 -82.54 7.28 -2.43
N ARG F 57 -82.02 8.16 -3.30
CA ARG F 57 -82.82 9.29 -3.75
C ARG F 57 -84.05 8.82 -4.52
N SER F 58 -83.88 7.82 -5.39
CA SER F 58 -85.01 7.31 -6.16
C SER F 58 -86.07 6.69 -5.23
N LEU F 59 -85.63 5.88 -4.26
CA LEU F 59 -86.59 5.22 -3.40
C LEU F 59 -87.27 6.19 -2.44
N THR F 60 -86.59 7.26 -2.04
CA THR F 60 -87.20 8.27 -1.19
C THR F 60 -88.05 9.26 -1.98
N GLU F 61 -87.90 9.31 -3.31
CA GLU F 61 -88.69 10.21 -4.14
C GLU F 61 -89.78 9.52 -4.93
N ASP F 62 -89.66 8.22 -5.20
CA ASP F 62 -90.67 7.51 -5.97
C ASP F 62 -91.97 7.40 -5.17
N PRO F 63 -93.12 7.51 -5.83
CA PRO F 63 -94.40 7.33 -5.15
C PRO F 63 -94.67 5.87 -4.89
N PRO F 64 -95.59 5.55 -3.98
CA PRO F 64 -95.93 4.14 -3.73
C PRO F 64 -96.50 3.49 -4.98
N PRO F 65 -96.16 2.22 -5.23
CA PRO F 65 -96.67 1.55 -6.43
C PRO F 65 -98.15 1.20 -6.36
N ALA F 66 -98.74 1.21 -5.17
CA ALA F 66 -100.17 0.90 -4.99
C ALA F 66 -100.51 -0.48 -5.56
N THR F 67 -99.63 -1.45 -5.32
CA THR F 67 -99.86 -2.82 -5.78
C THR F 67 -100.72 -3.56 -4.76
N ASP F 68 -100.89 -4.86 -4.94
CA ASP F 68 -101.74 -5.68 -4.08
C ASP F 68 -100.85 -6.38 -3.04
N LEU F 69 -100.96 -5.91 -1.79
CA LEU F 69 -100.23 -6.49 -0.66
C LEU F 69 -98.72 -6.49 -0.91
N PHE F 70 -98.24 -5.46 -1.60
CA PHE F 70 -96.82 -5.36 -1.92
C PHE F 70 -96.02 -4.98 -0.68
N CYS F 71 -94.79 -5.50 -0.62
CA CYS F 71 -93.85 -5.09 0.40
C CYS F 71 -93.22 -3.76 0.03
N ASN F 72 -93.03 -2.90 1.03
CA ASN F 72 -92.45 -1.58 0.78
C ASN F 72 -91.03 -1.71 0.25
N ARG F 73 -90.70 -0.85 -0.71
CA ARG F 73 -89.37 -0.88 -1.32
C ARG F 73 -88.31 -0.53 -0.28
N THR F 74 -87.18 -1.22 -0.35
CA THR F 74 -86.09 -1.02 0.59
C THR F 74 -84.76 -1.08 -0.17
N PHE F 75 -83.67 -1.06 0.57
CA PHE F 75 -82.33 -1.10 -0.01
C PHE F 75 -81.36 -1.65 1.02
N ASP F 76 -80.62 -2.68 0.63
CA ASP F 76 -79.64 -3.31 1.50
C ASP F 76 -78.24 -2.89 1.07
N GLU F 77 -77.24 -3.50 1.71
CA GLU F 77 -75.86 -3.10 1.49
C GLU F 77 -75.35 -3.49 0.10
N TYR F 78 -76.02 -4.41 -0.59
CA TYR F 78 -75.53 -4.89 -1.88
C TYR F 78 -76.20 -4.19 -3.06
N ALA F 79 -77.53 -4.24 -3.14
CA ALA F 79 -78.24 -3.70 -4.28
C ALA F 79 -79.61 -3.21 -3.84
N CYS F 80 -80.33 -2.61 -4.80
CA CYS F 80 -81.66 -2.07 -4.54
C CYS F 80 -82.70 -3.17 -4.54
N TRP F 81 -83.88 -2.83 -4.02
CA TRP F 81 -85.01 -3.76 -3.96
C TRP F 81 -86.30 -2.97 -4.10
N PRO F 82 -86.93 -2.97 -5.28
CA PRO F 82 -88.25 -2.34 -5.42
C PRO F 82 -89.33 -3.12 -4.69
N ASP F 83 -90.58 -2.68 -4.81
CA ASP F 83 -91.69 -3.39 -4.18
C ASP F 83 -91.80 -4.80 -4.73
N GLY F 84 -91.94 -5.76 -3.83
CA GLY F 84 -91.97 -7.18 -4.19
C GLY F 84 -93.34 -7.78 -3.92
N GLU F 85 -93.77 -8.66 -4.81
CA GLU F 85 -95.05 -9.34 -4.63
C GLU F 85 -94.98 -10.28 -3.42
N PRO F 86 -96.04 -10.34 -2.61
CA PRO F 86 -96.02 -11.21 -1.44
C PRO F 86 -95.95 -12.68 -1.82
N GLY F 87 -95.25 -13.45 -1.01
CA GLY F 87 -95.13 -14.88 -1.23
C GLY F 87 -94.47 -15.26 -2.54
N SER F 88 -93.48 -14.48 -2.97
CA SER F 88 -92.80 -14.75 -4.23
C SER F 88 -91.43 -14.09 -4.19
N PHE F 89 -90.56 -14.54 -5.10
CA PHE F 89 -89.23 -13.96 -5.22
C PHE F 89 -89.25 -12.69 -6.06
N VAL F 90 -88.20 -11.89 -5.91
CA VAL F 90 -88.07 -10.61 -6.59
C VAL F 90 -86.82 -10.64 -7.44
N ASN F 91 -86.93 -10.25 -8.70
CA ASN F 91 -85.83 -10.25 -9.65
C ASN F 91 -85.37 -8.81 -9.89
N VAL F 92 -84.07 -8.57 -9.67
CA VAL F 92 -83.46 -7.27 -9.90
C VAL F 92 -82.15 -7.48 -10.64
N SER F 93 -81.86 -6.61 -11.59
CA SER F 93 -80.69 -6.75 -12.43
C SER F 93 -79.40 -6.64 -11.62
N CYS F 94 -78.32 -7.13 -12.20
CA CYS F 94 -77.02 -7.13 -11.52
C CYS F 94 -76.53 -5.70 -11.34
N PRO F 95 -75.95 -5.37 -10.18
CA PRO F 95 -75.42 -4.02 -9.97
C PRO F 95 -74.28 -3.72 -10.94
N TRP F 96 -74.20 -2.45 -11.33
CA TRP F 96 -73.20 -2.00 -12.31
C TRP F 96 -71.93 -1.48 -11.67
N TYR F 97 -71.87 -1.33 -10.35
CA TYR F 97 -70.69 -0.82 -9.67
C TYR F 97 -69.68 -1.90 -9.33
N LEU F 98 -69.97 -3.15 -9.65
CA LEU F 98 -69.07 -4.25 -9.32
C LEU F 98 -67.78 -4.14 -10.14
N PRO F 99 -66.66 -4.58 -9.59
CA PRO F 99 -65.40 -4.57 -10.37
C PRO F 99 -65.47 -5.40 -11.63
N TRP F 100 -66.25 -6.48 -11.64
CA TRP F 100 -66.39 -7.36 -12.79
C TRP F 100 -67.63 -7.02 -13.62
N ALA F 101 -68.06 -5.76 -13.60
CA ALA F 101 -69.24 -5.36 -14.38
C ALA F 101 -69.01 -5.55 -15.87
N SER F 102 -67.82 -5.18 -16.36
CA SER F 102 -67.51 -5.36 -17.77
C SER F 102 -67.22 -6.81 -18.14
N SER F 103 -67.08 -7.70 -17.16
CA SER F 103 -66.82 -9.10 -17.44
C SER F 103 -68.10 -9.92 -17.54
N VAL F 104 -69.01 -9.77 -16.59
CA VAL F 104 -70.29 -10.48 -16.62
C VAL F 104 -71.42 -9.48 -16.36
N PRO F 105 -71.77 -8.65 -17.35
CA PRO F 105 -72.86 -7.69 -17.14
C PRO F 105 -74.19 -8.34 -16.83
N GLN F 106 -74.48 -9.52 -17.39
CA GLN F 106 -75.74 -10.19 -17.16
C GLN F 106 -75.79 -10.78 -15.76
N GLY F 107 -76.97 -10.74 -15.14
CA GLY F 107 -77.15 -11.27 -13.80
C GLY F 107 -78.36 -10.69 -13.09
N HIS F 108 -79.05 -11.52 -12.31
CA HIS F 108 -80.22 -11.11 -11.54
C HIS F 108 -80.01 -11.49 -10.08
N VAL F 109 -80.27 -10.54 -9.19
CA VAL F 109 -80.18 -10.77 -7.75
C VAL F 109 -81.59 -11.04 -7.22
N TYR F 110 -81.70 -12.06 -6.37
CA TYR F 110 -83.00 -12.57 -5.94
C TYR F 110 -83.22 -12.28 -4.46
N ARG F 111 -84.47 -11.95 -4.12
CA ARG F 111 -84.89 -11.73 -2.75
C ARG F 111 -86.25 -12.38 -2.55
N PHE F 112 -86.48 -12.93 -1.36
CA PHE F 112 -87.70 -13.65 -1.04
C PHE F 112 -88.56 -12.82 -0.10
N CYS F 113 -89.88 -12.92 -0.29
CA CYS F 113 -90.85 -12.21 0.53
C CYS F 113 -91.94 -13.19 0.97
N THR F 114 -92.47 -12.94 2.16
CA THR F 114 -93.54 -13.78 2.70
C THR F 114 -94.89 -13.35 2.14
N ALA F 115 -95.90 -14.20 2.35
CA ALA F 115 -97.23 -13.94 1.83
C ALA F 115 -97.94 -12.81 2.55
N GLU F 116 -97.43 -12.38 3.70
CA GLU F 116 -98.04 -11.31 4.47
C GLU F 116 -97.44 -9.94 4.19
N GLY F 117 -96.64 -9.81 3.14
CA GLY F 117 -96.05 -8.53 2.80
C GLY F 117 -94.79 -8.19 3.56
N LEU F 118 -94.12 -9.18 4.15
CA LEU F 118 -92.89 -8.96 4.89
C LEU F 118 -91.78 -9.80 4.26
N TRP F 119 -90.56 -9.24 4.26
CA TRP F 119 -89.42 -9.94 3.70
C TRP F 119 -89.15 -11.22 4.48
N LEU F 120 -88.85 -12.29 3.75
CA LEU F 120 -88.57 -13.58 4.39
C LEU F 120 -87.33 -13.49 5.26
N GLN F 121 -87.44 -14.01 6.48
CA GLN F 121 -86.33 -14.03 7.43
C GLN F 121 -85.52 -15.29 7.21
N LYS F 122 -84.37 -15.16 6.56
CA LYS F 122 -83.52 -16.30 6.31
C LYS F 122 -82.91 -16.81 7.61
N ASP F 123 -82.47 -18.08 7.58
CA ASP F 123 -81.98 -18.74 8.78
C ASP F 123 -80.70 -18.11 9.31
N ASN F 124 -80.77 -17.53 10.51
CA ASN F 124 -79.61 -16.99 11.22
C ASN F 124 -78.86 -15.95 10.39
N SER F 125 -79.61 -15.08 9.72
CA SER F 125 -79.05 -14.00 8.92
C SER F 125 -79.66 -12.68 9.37
N SER F 126 -78.82 -11.65 9.51
CA SER F 126 -79.32 -10.33 9.85
C SER F 126 -80.21 -9.77 8.75
N LEU F 127 -79.79 -9.94 7.50
CA LEU F 127 -80.54 -9.48 6.34
C LEU F 127 -81.56 -10.53 5.91
N PRO F 128 -82.63 -10.12 5.22
CA PRO F 128 -83.60 -11.11 4.72
C PRO F 128 -83.02 -12.03 3.65
N TRP F 129 -83.83 -12.97 3.16
CA TRP F 129 -83.36 -13.94 2.19
C TRP F 129 -82.87 -13.24 0.92
N ARG F 130 -81.73 -13.69 0.42
CA ARG F 130 -81.11 -13.07 -0.74
C ARG F 130 -80.24 -14.10 -1.45
N ASP F 131 -80.13 -13.96 -2.76
CA ASP F 131 -79.32 -14.84 -3.59
C ASP F 131 -78.56 -14.01 -4.62
N LEU F 132 -77.27 -14.26 -4.76
CA LEU F 132 -76.43 -13.52 -5.70
C LEU F 132 -75.46 -14.44 -6.43
N SER F 133 -75.84 -15.70 -6.63
CA SER F 133 -74.92 -16.67 -7.24
C SER F 133 -74.52 -16.26 -8.64
N GLU F 134 -75.47 -15.79 -9.45
CA GLU F 134 -75.17 -15.38 -10.82
C GLU F 134 -74.53 -13.99 -10.89
N CYS F 135 -74.56 -13.23 -9.80
CA CYS F 135 -73.95 -11.91 -9.77
C CYS F 135 -72.48 -11.94 -9.40
N GLU F 136 -71.92 -13.12 -9.14
CA GLU F 136 -70.51 -13.23 -8.77
C GLU F 136 -69.62 -13.00 -9.99
N GLU F 137 -68.32 -12.93 -9.73
CA GLU F 137 -67.35 -12.71 -10.80
C GLU F 137 -67.33 -13.89 -11.76
N SER F 138 -67.07 -13.58 -13.03
CA SER F 138 -67.00 -14.60 -14.07
C SER F 138 -65.71 -15.40 -13.96
N SER F 145 -52.79 -18.80 -9.13
CA SER F 145 -52.71 -17.56 -8.37
C SER F 145 -51.27 -17.10 -8.24
N PRO F 146 -51.03 -15.81 -8.47
CA PRO F 146 -49.66 -15.27 -8.36
C PRO F 146 -49.21 -15.00 -6.94
N GLU F 147 -49.97 -15.44 -5.93
CA GLU F 147 -49.54 -15.23 -4.55
C GLU F 147 -48.25 -16.00 -4.23
N GLU F 148 -48.14 -17.22 -4.75
CA GLU F 148 -46.98 -18.04 -4.43
C GLU F 148 -45.69 -17.42 -4.96
N GLN F 149 -45.72 -16.91 -6.19
CA GLN F 149 -44.51 -16.33 -6.76
C GLN F 149 -44.17 -15.00 -6.08
N LEU F 150 -45.19 -14.22 -5.69
CA LEU F 150 -44.95 -13.01 -4.91
C LEU F 150 -44.29 -13.35 -3.59
N LEU F 151 -44.79 -14.39 -2.90
CA LEU F 151 -44.22 -14.79 -1.63
C LEU F 151 -42.77 -15.25 -1.79
N PHE F 152 -42.51 -16.05 -2.83
CA PHE F 152 -41.16 -16.56 -3.07
C PHE F 152 -40.19 -15.42 -3.34
N LEU F 153 -40.54 -14.52 -4.27
CA LEU F 153 -39.67 -13.40 -4.59
C LEU F 153 -39.49 -12.49 -3.39
N TYR F 154 -40.55 -12.26 -2.62
CA TYR F 154 -40.44 -11.39 -1.45
C TYR F 154 -39.46 -11.98 -0.44
N ILE F 155 -39.58 -13.27 -0.14
CA ILE F 155 -38.67 -13.89 0.82
C ILE F 155 -37.23 -13.79 0.32
N ILE F 156 -37.00 -14.14 -0.95
CA ILE F 156 -35.64 -14.14 -1.48
C ILE F 156 -35.02 -12.75 -1.38
N TYR F 157 -35.74 -11.74 -1.87
CA TYR F 157 -35.13 -10.42 -1.96
C TYR F 157 -35.04 -9.73 -0.61
N THR F 158 -35.99 -9.97 0.31
CA THR F 158 -35.85 -9.44 1.65
C THR F 158 -34.67 -10.05 2.38
N VAL F 159 -34.50 -11.38 2.27
CA VAL F 159 -33.34 -12.02 2.90
C VAL F 159 -32.05 -11.49 2.31
N GLY F 160 -32.01 -11.35 0.98
CA GLY F 160 -30.82 -10.82 0.34
C GLY F 160 -30.48 -9.42 0.80
N TYR F 161 -31.48 -8.55 0.87
CA TYR F 161 -31.22 -7.17 1.29
C TYR F 161 -30.82 -7.10 2.76
N ALA F 162 -31.40 -7.93 3.62
CA ALA F 162 -30.99 -7.93 5.02
C ALA F 162 -29.55 -8.37 5.19
N LEU F 163 -29.18 -9.47 4.52
CA LEU F 163 -27.80 -9.94 4.59
C LEU F 163 -26.84 -8.92 3.99
N SER F 164 -27.24 -8.28 2.89
CA SER F 164 -26.41 -7.26 2.27
C SER F 164 -26.20 -6.07 3.21
N PHE F 165 -27.28 -5.64 3.88
CA PHE F 165 -27.18 -4.55 4.83
C PHE F 165 -26.20 -4.89 5.95
N SER F 166 -26.34 -6.10 6.52
CA SER F 166 -25.45 -6.49 7.61
C SER F 166 -24.00 -6.52 7.16
N ALA F 167 -23.73 -7.21 6.04
CA ALA F 167 -22.36 -7.34 5.56
C ALA F 167 -21.76 -5.98 5.21
N LEU F 168 -22.57 -5.10 4.63
CA LEU F 168 -22.05 -3.81 4.19
C LEU F 168 -21.80 -2.86 5.35
N VAL F 169 -22.65 -2.87 6.37
CA VAL F 169 -22.37 -2.04 7.54
C VAL F 169 -21.13 -2.55 8.27
N ILE F 170 -20.96 -3.88 8.34
CA ILE F 170 -19.75 -4.42 8.95
C ILE F 170 -18.52 -4.00 8.15
N ALA F 171 -18.58 -4.11 6.82
CA ALA F 171 -17.45 -3.75 5.98
C ALA F 171 -17.13 -2.26 6.07
N SER F 172 -18.15 -1.41 6.10
CA SER F 172 -17.94 0.02 6.22
C SER F 172 -17.31 0.37 7.56
N ALA F 173 -17.76 -0.28 8.64
CA ALA F 173 -17.13 -0.07 9.94
C ALA F 173 -15.67 -0.48 9.93
N ILE F 174 -15.36 -1.62 9.30
CA ILE F 174 -13.97 -2.08 9.24
C ILE F 174 -13.13 -1.10 8.43
N LEU F 175 -13.65 -0.63 7.29
CA LEU F 175 -12.88 0.30 6.45
C LEU F 175 -12.64 1.62 7.16
N LEU F 176 -13.66 2.15 7.84
CA LEU F 176 -13.49 3.45 8.51
C LEU F 176 -12.64 3.33 9.77
N GLY F 177 -12.67 2.17 10.43
CA GLY F 177 -11.90 2.02 11.66
C GLY F 177 -10.40 2.09 11.43
N PHE F 178 -9.93 1.51 10.33
CA PHE F 178 -8.51 1.46 10.02
C PHE F 178 -8.14 2.67 9.18
N ARG F 179 -7.32 3.56 9.75
CA ARG F 179 -6.91 4.78 9.06
C ARG F 179 -5.90 4.52 7.95
N HIS F 180 -5.24 3.36 7.97
CA HIS F 180 -4.26 3.03 6.93
C HIS F 180 -4.93 2.85 5.58
N LEU F 181 -6.17 2.39 5.55
CA LEU F 181 -6.84 2.01 4.32
C LEU F 181 -7.46 3.19 3.57
N HIS F 182 -7.31 4.41 4.06
CA HIS F 182 -7.94 5.55 3.40
C HIS F 182 -7.22 5.90 2.11
N CYS F 183 -7.98 6.00 1.02
CA CYS F 183 -7.50 6.39 -0.30
C CYS F 183 -8.73 6.65 -1.16
N THR F 184 -8.51 7.30 -2.30
CA THR F 184 -9.63 7.68 -3.17
C THR F 184 -10.42 6.44 -3.61
N ARG F 185 -9.71 5.35 -3.90
CA ARG F 185 -10.38 4.09 -4.22
C ARG F 185 -11.28 3.65 -3.08
N ASN F 186 -10.78 3.69 -1.85
CA ASN F 186 -11.59 3.27 -0.71
C ASN F 186 -12.65 4.29 -0.36
N TYR F 187 -12.45 5.56 -0.69
CA TYR F 187 -13.53 6.54 -0.52
C TYR F 187 -14.69 6.25 -1.47
N ILE F 188 -14.37 5.95 -2.73
CA ILE F 188 -15.41 5.53 -3.67
C ILE F 188 -16.10 4.26 -3.20
N HIS F 189 -15.33 3.31 -2.66
CA HIS F 189 -15.90 2.08 -2.10
C HIS F 189 -16.84 2.35 -0.93
N LEU F 190 -16.45 3.24 -0.03
CA LEU F 190 -17.32 3.59 1.10
C LEU F 190 -18.61 4.25 0.61
N ASN F 191 -18.51 5.12 -0.38
CA ASN F 191 -19.71 5.74 -0.94
C ASN F 191 -20.61 4.68 -1.57
N LEU F 192 -20.02 3.71 -2.27
CA LEU F 192 -20.79 2.62 -2.85
C LEU F 192 -21.50 1.81 -1.78
N PHE F 193 -20.80 1.51 -0.68
CA PHE F 193 -21.41 0.78 0.42
C PHE F 193 -22.57 1.56 1.03
N ALA F 194 -22.39 2.88 1.17
CA ALA F 194 -23.46 3.71 1.69
C ALA F 194 -24.67 3.68 0.76
N SER F 195 -24.43 3.71 -0.55
CA SER F 195 -25.55 3.67 -1.50
C SER F 195 -26.30 2.34 -1.39
N PHE F 196 -25.57 1.24 -1.26
CA PHE F 196 -26.23 -0.07 -1.12
C PHE F 196 -27.03 -0.14 0.18
N ILE F 197 -26.47 0.39 1.27
CA ILE F 197 -27.19 0.40 2.55
C ILE F 197 -28.47 1.22 2.43
N LEU F 198 -28.38 2.39 1.78
CA LEU F 198 -29.56 3.21 1.60
C LEU F 198 -30.61 2.49 0.74
N ARG F 199 -30.16 1.77 -0.28
CA ARG F 199 -31.09 1.00 -1.11
C ARG F 199 -31.82 -0.05 -0.28
N ALA F 200 -31.08 -0.78 0.56
CA ALA F 200 -31.71 -1.80 1.39
C ALA F 200 -32.70 -1.18 2.37
N LEU F 201 -32.32 -0.06 2.99
CA LEU F 201 -33.22 0.61 3.92
C LEU F 201 -34.48 1.10 3.23
N SER F 202 -34.33 1.66 2.03
CA SER F 202 -35.50 2.11 1.28
C SER F 202 -36.40 0.94 0.92
N VAL F 203 -35.80 -0.23 0.62
CA VAL F 203 -36.60 -1.41 0.33
C VAL F 203 -37.41 -1.82 1.56
N PHE F 204 -36.77 -1.84 2.73
CA PHE F 204 -37.50 -2.23 3.95
C PHE F 204 -38.62 -1.24 4.26
N ILE F 205 -38.35 0.07 4.12
CA ILE F 205 -39.37 1.07 4.38
C ILE F 205 -40.50 0.96 3.36
N LYS F 206 -40.17 0.62 2.11
CA LYS F 206 -41.21 0.44 1.10
C LYS F 206 -42.10 -0.74 1.42
N ASP F 207 -41.49 -1.84 1.91
CA ASP F 207 -42.29 -3.00 2.32
C ASP F 207 -43.22 -2.62 3.48
N ALA F 208 -42.69 -1.87 4.45
CA ALA F 208 -43.52 -1.44 5.57
C ALA F 208 -44.66 -0.54 5.10
N ALA F 209 -44.37 0.35 4.15
CA ALA F 209 -45.40 1.25 3.63
C ALA F 209 -46.47 0.49 2.88
N LEU F 210 -46.08 -0.53 2.11
CA LEU F 210 -47.07 -1.37 1.43
C LEU F 210 -47.93 -2.13 2.43
N LYS F 211 -47.31 -2.61 3.52
CA LYS F 211 -48.09 -3.26 4.57
C LYS F 211 -49.08 -2.29 5.20
N TRP F 212 -48.65 -1.05 5.44
CA TRP F 212 -49.54 -0.05 6.04
C TRP F 212 -50.68 0.32 5.10
N MET F 213 -50.40 0.41 3.80
CA MET F 213 -51.39 0.90 2.84
C MET F 213 -52.59 -0.03 2.77
N TYR F 214 -52.35 -1.34 2.80
CA TYR F 214 -53.42 -2.33 2.70
C TYR F 214 -53.71 -3.00 4.05
N SER F 215 -53.48 -2.29 5.15
CA SER F 215 -53.82 -2.80 6.46
C SER F 215 -55.33 -2.72 6.69
N THR F 216 -55.80 -3.42 7.73
CA THR F 216 -57.23 -3.44 8.01
C THR F 216 -57.75 -2.06 8.37
N ALA F 217 -56.98 -1.30 9.17
CA ALA F 217 -57.41 0.04 9.55
C ALA F 217 -57.52 0.95 8.33
N ALA F 218 -56.51 0.89 7.45
CA ALA F 218 -56.55 1.69 6.23
C ALA F 218 -57.71 1.25 5.33
N GLN F 219 -57.97 -0.05 5.27
CA GLN F 219 -59.09 -0.54 4.48
C GLN F 219 -60.41 0.01 5.01
N GLN F 220 -60.63 -0.06 6.33
CA GLN F 220 -61.86 0.47 6.90
C GLN F 220 -61.97 1.97 6.70
N HIS F 221 -60.85 2.69 6.78
CA HIS F 221 -60.87 4.12 6.53
C HIS F 221 -61.27 4.43 5.09
N GLN F 222 -60.73 3.68 4.13
CA GLN F 222 -61.04 3.95 2.73
C GLN F 222 -62.47 3.56 2.38
N TRP F 223 -62.99 2.48 2.99
CA TRP F 223 -64.34 2.05 2.68
C TRP F 223 -65.37 3.09 3.11
N ASP F 224 -65.14 3.74 4.25
CA ASP F 224 -66.05 4.77 4.75
C ASP F 224 -65.90 6.10 4.03
N GLY F 225 -64.92 6.22 3.13
CA GLY F 225 -64.67 7.47 2.44
C GLY F 225 -63.74 8.41 3.17
N LEU F 226 -63.11 7.98 4.25
CA LEU F 226 -62.20 8.83 5.02
C LEU F 226 -60.78 8.71 4.47
N LEU F 227 -59.99 9.75 4.73
CA LEU F 227 -58.60 9.75 4.29
C LEU F 227 -57.80 8.70 5.06
N SER F 228 -56.82 8.11 4.37
CA SER F 228 -56.02 7.05 4.94
C SER F 228 -54.57 7.24 4.51
N TYR F 229 -53.76 6.20 4.71
CA TYR F 229 -52.34 6.28 4.37
C TYR F 229 -52.12 6.47 2.87
N GLN F 230 -53.06 5.98 2.06
CA GLN F 230 -52.88 6.04 0.60
C GLN F 230 -52.85 7.48 0.12
N ASP F 231 -53.69 8.34 0.69
CA ASP F 231 -53.81 9.73 0.25
C ASP F 231 -52.77 10.64 0.89
N SER F 232 -51.92 10.13 1.78
CA SER F 232 -50.94 10.95 2.45
C SER F 232 -49.75 11.25 1.56
N LEU F 233 -49.04 12.33 1.86
CA LEU F 233 -47.84 12.69 1.10
C LEU F 233 -46.65 11.83 1.51
N SER F 234 -46.63 11.33 2.74
CA SER F 234 -45.53 10.48 3.19
C SER F 234 -45.49 9.18 2.38
N CYS F 235 -46.67 8.67 2.00
CA CYS F 235 -46.71 7.48 1.16
C CYS F 235 -45.99 7.72 -0.17
N ARG F 236 -46.24 8.87 -0.80
CA ARG F 236 -45.54 9.21 -2.03
C ARG F 236 -44.04 9.41 -1.79
N LEU F 237 -43.69 10.06 -0.67
CA LEU F 237 -42.30 10.34 -0.39
C LEU F 237 -41.50 9.05 -0.16
N VAL F 238 -42.16 8.02 0.37
CA VAL F 238 -41.47 6.74 0.58
C VAL F 238 -41.00 6.17 -0.74
N PHE F 239 -41.90 6.12 -1.73
CA PHE F 239 -41.52 5.56 -3.02
C PHE F 239 -40.56 6.48 -3.77
N LEU F 240 -40.70 7.79 -3.60
CA LEU F 240 -39.74 8.70 -4.21
C LEU F 240 -38.34 8.47 -3.64
N LEU F 241 -38.24 8.27 -2.33
CA LEU F 241 -36.95 7.94 -1.72
C LEU F 241 -36.43 6.61 -2.24
N MET F 242 -37.30 5.62 -2.41
CA MET F 242 -36.87 4.34 -2.95
C MET F 242 -36.27 4.49 -4.35
N GLN F 243 -36.96 5.23 -5.21
CA GLN F 243 -36.45 5.45 -6.57
C GLN F 243 -35.13 6.22 -6.54
N TYR F 244 -35.01 7.22 -5.69
CA TYR F 244 -33.75 7.95 -5.60
C TYR F 244 -32.63 7.04 -5.14
N CYS F 245 -32.89 6.17 -4.15
CA CYS F 245 -31.86 5.27 -3.66
C CYS F 245 -31.41 4.32 -4.77
N VAL F 246 -32.36 3.79 -5.54
CA VAL F 246 -32.02 2.87 -6.63
C VAL F 246 -31.15 3.59 -7.68
N ALA F 247 -31.58 4.79 -8.07
CA ALA F 247 -30.83 5.53 -9.09
C ALA F 247 -29.43 5.90 -8.59
N ALA F 248 -29.32 6.29 -7.31
CA ALA F 248 -28.02 6.63 -6.75
C ALA F 248 -27.11 5.42 -6.71
N ASN F 249 -27.67 4.24 -6.42
CA ASN F 249 -26.87 3.02 -6.42
C ASN F 249 -26.33 2.72 -7.81
N TYR F 250 -27.19 2.82 -8.83
CA TYR F 250 -26.71 2.57 -10.19
C TYR F 250 -25.65 3.57 -10.61
N TYR F 251 -25.86 4.85 -10.29
CA TYR F 251 -24.86 5.84 -10.69
C TYR F 251 -23.57 5.72 -9.89
N TRP F 252 -23.60 5.18 -8.67
CA TRP F 252 -22.34 4.96 -7.98
C TRP F 252 -21.61 3.74 -8.52
N LEU F 253 -22.34 2.74 -8.99
CA LEU F 253 -21.69 1.67 -9.75
C LEU F 253 -21.02 2.23 -11.01
N LEU F 254 -21.70 3.14 -11.71
CA LEU F 254 -21.11 3.79 -12.87
C LEU F 254 -19.88 4.60 -12.50
N VAL F 255 -19.93 5.31 -11.37
CA VAL F 255 -18.78 6.11 -10.94
C VAL F 255 -17.58 5.23 -10.65
N GLU F 256 -17.81 4.10 -9.97
CA GLU F 256 -16.72 3.16 -9.71
C GLU F 256 -16.13 2.64 -11.02
N GLY F 257 -16.99 2.28 -11.97
CA GLY F 257 -16.50 1.80 -13.25
C GLY F 257 -15.68 2.84 -13.99
N VAL F 258 -16.15 4.09 -14.00
CA VAL F 258 -15.43 5.15 -14.69
C VAL F 258 -14.09 5.41 -14.03
N TYR F 259 -14.06 5.42 -12.71
CA TYR F 259 -12.78 5.62 -12.02
C TYR F 259 -11.79 4.51 -12.33
N LEU F 260 -12.26 3.26 -12.33
CA LEU F 260 -11.38 2.15 -12.70
C LEU F 260 -10.87 2.27 -14.13
N TYR F 261 -11.75 2.64 -15.06
CA TYR F 261 -11.32 2.81 -16.45
C TYR F 261 -10.30 3.92 -16.60
N THR F 262 -10.49 5.04 -15.90
CA THR F 262 -9.51 6.13 -15.98
C THR F 262 -8.18 5.69 -15.37
N LEU F 263 -8.22 4.87 -14.33
CA LEU F 263 -6.98 4.32 -13.80
C LEU F 263 -6.27 3.46 -14.84
N LEU F 264 -7.02 2.61 -15.55
CA LEU F 264 -6.40 1.72 -16.52
C LEU F 264 -6.22 2.35 -17.90
N ALA F 265 -6.78 3.53 -18.13
CA ALA F 265 -6.56 4.23 -19.39
C ALA F 265 -5.29 5.07 -19.38
N PHE F 266 -4.51 5.00 -18.31
CA PHE F 266 -3.26 5.76 -18.17
C PHE F 266 -3.51 7.26 -18.32
N SER F 267 -4.54 7.74 -17.62
CA SER F 267 -4.92 9.14 -17.62
C SER F 267 -4.87 9.67 -16.19
N VAL F 268 -4.33 10.87 -16.02
CA VAL F 268 -4.13 11.46 -14.71
C VAL F 268 -4.66 12.90 -14.71
N PHE F 269 -5.36 13.27 -13.65
CA PHE F 269 -5.85 14.63 -13.44
C PHE F 269 -5.67 14.99 -11.98
N SER F 270 -6.27 16.11 -11.58
CA SER F 270 -6.23 16.53 -10.18
C SER F 270 -7.11 15.61 -9.35
N GLU F 271 -6.51 14.99 -8.32
CA GLU F 271 -7.23 13.99 -7.54
C GLU F 271 -8.43 14.61 -6.82
N GLN F 272 -8.26 15.79 -6.24
CA GLN F 272 -9.35 16.41 -5.49
C GLN F 272 -10.50 16.79 -6.40
N TRP F 273 -10.20 17.40 -7.54
CA TRP F 273 -11.24 17.81 -8.48
C TRP F 273 -11.97 16.59 -9.04
N ILE F 274 -11.22 15.54 -9.38
CA ILE F 274 -11.84 14.31 -9.88
C ILE F 274 -12.74 13.69 -8.82
N PHE F 275 -12.28 13.68 -7.56
CA PHE F 275 -13.10 13.11 -6.49
C PHE F 275 -14.38 13.91 -6.29
N ARG F 276 -14.28 15.24 -6.33
CA ARG F 276 -15.47 16.08 -6.20
C ARG F 276 -16.43 15.83 -7.35
N LEU F 277 -15.90 15.70 -8.57
CA LEU F 277 -16.75 15.43 -9.73
C LEU F 277 -17.45 14.09 -9.59
N TYR F 278 -16.74 13.07 -9.11
CA TYR F 278 -17.36 11.75 -8.93
C TYR F 278 -18.43 11.78 -7.84
N VAL F 279 -18.19 12.52 -6.76
CA VAL F 279 -19.22 12.65 -5.72
C VAL F 279 -20.46 13.33 -6.29
N SER F 280 -20.24 14.39 -7.10
CA SER F 280 -21.35 15.08 -7.73
C SER F 280 -22.14 14.15 -8.65
N ILE F 281 -21.43 13.35 -9.45
CA ILE F 281 -22.11 12.42 -10.36
C ILE F 281 -22.87 11.36 -9.56
N GLY F 282 -22.27 10.85 -8.49
CA GLY F 282 -22.89 9.78 -7.73
C GLY F 282 -24.15 10.21 -7.01
N TRP F 283 -24.12 11.39 -6.37
CA TRP F 283 -25.21 11.77 -5.48
C TRP F 283 -26.14 12.83 -6.06
N GLY F 284 -25.70 13.63 -7.03
CA GLY F 284 -26.51 14.73 -7.51
C GLY F 284 -27.22 14.46 -8.82
N VAL F 285 -26.56 13.77 -9.74
CA VAL F 285 -27.18 13.47 -11.03
C VAL F 285 -28.48 12.68 -10.90
N PRO F 286 -28.61 11.70 -9.98
CA PRO F 286 -29.92 11.07 -9.81
C PRO F 286 -31.04 12.04 -9.48
N LEU F 287 -30.75 13.13 -8.76
CA LEU F 287 -31.77 14.15 -8.50
C LEU F 287 -32.18 14.88 -9.77
N LEU F 288 -31.42 14.75 -10.87
CA LEU F 288 -31.73 15.50 -12.08
C LEU F 288 -32.91 14.91 -12.82
N PHE F 289 -33.22 13.62 -12.59
CA PHE F 289 -34.37 13.00 -13.23
C PHE F 289 -35.40 12.44 -12.25
N VAL F 290 -34.98 12.03 -11.05
CA VAL F 290 -35.94 11.58 -10.06
C VAL F 290 -36.87 12.72 -9.65
N VAL F 291 -36.32 13.93 -9.48
CA VAL F 291 -37.17 15.08 -9.16
C VAL F 291 -38.16 15.41 -10.27
N PRO F 292 -37.76 15.50 -11.54
CA PRO F 292 -38.77 15.67 -12.60
C PRO F 292 -39.79 14.55 -12.65
N TRP F 293 -39.38 13.30 -12.41
CA TRP F 293 -40.34 12.20 -12.38
C TRP F 293 -41.35 12.41 -11.25
N GLY F 294 -40.88 12.80 -10.08
CA GLY F 294 -41.78 13.08 -8.98
C GLY F 294 -42.74 14.21 -9.30
N ILE F 295 -42.24 15.25 -9.98
CA ILE F 295 -43.10 16.38 -10.33
C ILE F 295 -44.20 15.93 -11.29
N VAL F 296 -43.84 15.19 -12.34
CA VAL F 296 -44.85 14.81 -13.32
C VAL F 296 -45.84 13.82 -12.72
N LYS F 297 -45.35 12.90 -11.87
CA LYS F 297 -46.25 11.93 -11.26
C LYS F 297 -47.11 12.57 -10.16
N TYR F 298 -46.69 13.72 -9.64
CA TYR F 298 -47.56 14.50 -8.77
C TYR F 298 -48.64 15.21 -9.58
N LEU F 299 -48.26 15.80 -10.72
CA LEU F 299 -49.22 16.56 -11.51
C LEU F 299 -50.24 15.65 -12.16
N TYR F 300 -49.83 14.46 -12.58
CA TYR F 300 -50.68 13.53 -13.30
C TYR F 300 -50.62 12.16 -12.64
N GLU F 301 -51.70 11.38 -12.78
CA GLU F 301 -51.83 10.01 -12.28
C GLU F 301 -51.31 9.87 -10.85
N ASP F 302 -51.70 10.81 -9.99
CA ASP F 302 -51.29 10.77 -8.59
C ASP F 302 -52.09 9.76 -7.78
N GLU F 303 -53.22 9.29 -8.32
CA GLU F 303 -54.14 8.47 -7.55
C GLU F 303 -53.51 7.17 -7.05
N GLY F 304 -52.43 6.73 -7.69
CA GLY F 304 -51.73 5.54 -7.26
C GLY F 304 -50.74 5.73 -6.15
N CYS F 305 -50.66 6.95 -5.60
CA CYS F 305 -49.66 7.33 -4.59
C CYS F 305 -48.24 7.03 -5.07
N TRP F 306 -47.98 7.30 -6.34
CA TRP F 306 -46.69 7.10 -7.01
C TRP F 306 -46.23 5.65 -6.95
N THR F 307 -47.13 4.69 -6.70
CA THR F 307 -46.70 3.30 -6.59
C THR F 307 -46.77 2.56 -7.92
N ARG F 308 -47.81 2.79 -8.70
CA ARG F 308 -48.03 2.05 -9.94
C ARG F 308 -47.60 2.90 -11.14
N ASN F 309 -46.93 2.26 -12.09
CA ASN F 309 -46.39 2.90 -13.28
C ASN F 309 -47.13 2.46 -14.55
N SER F 310 -48.46 2.43 -14.50
CA SER F 310 -49.27 1.86 -15.58
C SER F 310 -48.87 2.41 -16.94
N ASN F 311 -48.73 3.73 -17.05
CA ASN F 311 -48.29 4.34 -18.30
C ASN F 311 -46.77 4.42 -18.30
N MET F 312 -46.14 3.68 -19.22
CA MET F 312 -44.69 3.57 -19.24
C MET F 312 -44.01 4.84 -19.74
N ASN F 313 -44.77 5.78 -20.31
CA ASN F 313 -44.17 6.98 -20.89
C ASN F 313 -43.45 7.81 -19.82
N TYR F 314 -43.98 7.83 -18.60
CA TYR F 314 -43.31 8.58 -17.53
C TYR F 314 -42.27 7.73 -16.82
N TRP F 315 -42.45 6.41 -16.82
CA TRP F 315 -41.50 5.52 -16.16
C TRP F 315 -40.21 5.41 -16.96
N LEU F 316 -40.29 5.65 -18.28
CA LEU F 316 -39.08 5.73 -19.10
C LEU F 316 -38.16 6.86 -18.66
N ILE F 317 -38.71 7.90 -18.02
CA ILE F 317 -37.88 9.00 -17.54
C ILE F 317 -36.85 8.50 -16.54
N ILE F 318 -37.26 7.64 -15.61
CA ILE F 318 -36.30 6.97 -14.73
C ILE F 318 -35.49 5.93 -15.49
N ARG F 319 -36.14 5.14 -16.35
CA ARG F 319 -35.46 3.97 -16.93
C ARG F 319 -34.28 4.35 -17.82
N LEU F 320 -34.44 5.37 -18.68
CA LEU F 320 -33.40 5.64 -19.67
C LEU F 320 -32.03 5.98 -19.06
N PRO F 321 -31.91 6.84 -18.05
CA PRO F 321 -30.58 7.03 -17.44
C PRO F 321 -29.97 5.75 -16.88
N ILE F 322 -30.80 4.87 -16.31
CA ILE F 322 -30.28 3.63 -15.77
C ILE F 322 -29.79 2.72 -16.90
N LEU F 323 -30.50 2.71 -18.03
CA LEU F 323 -30.03 1.95 -19.18
C LEU F 323 -28.72 2.50 -19.72
N PHE F 324 -28.57 3.83 -19.75
CA PHE F 324 -27.29 4.43 -20.16
C PHE F 324 -26.18 4.01 -19.21
N THR F 325 -26.46 4.02 -17.90
CA THR F 325 -25.50 3.52 -16.91
C THR F 325 -25.10 2.09 -17.20
N ILE F 326 -26.08 1.22 -17.48
CA ILE F 326 -25.81 -0.19 -17.72
C ILE F 326 -24.94 -0.35 -18.97
N GLY F 327 -25.24 0.41 -20.02
CA GLY F 327 -24.43 0.31 -21.23
C GLY F 327 -23.00 0.73 -21.01
N VAL F 328 -22.80 1.86 -20.32
CA VAL F 328 -21.45 2.34 -20.07
C VAL F 328 -20.67 1.34 -19.20
N ASN F 329 -21.32 0.81 -18.17
CA ASN F 329 -20.65 -0.16 -17.31
C ASN F 329 -20.30 -1.43 -18.08
N PHE F 330 -21.16 -1.87 -18.98
CA PHE F 330 -20.84 -3.05 -19.79
C PHE F 330 -19.65 -2.79 -20.70
N LEU F 331 -19.60 -1.61 -21.33
CA LEU F 331 -18.45 -1.30 -22.18
C LEU F 331 -17.16 -1.24 -21.37
N ILE F 332 -17.20 -0.65 -20.19
CA ILE F 332 -16.02 -0.56 -19.35
C ILE F 332 -15.58 -1.95 -18.91
N PHE F 333 -16.55 -2.82 -18.59
CA PHE F 333 -16.24 -4.20 -18.25
C PHE F 333 -15.54 -4.90 -19.40
N VAL F 334 -16.04 -4.71 -20.63
CA VAL F 334 -15.43 -5.35 -21.78
C VAL F 334 -13.99 -4.86 -21.98
N ARG F 335 -13.79 -3.55 -21.86
CA ARG F 335 -12.44 -3.00 -22.05
C ARG F 335 -11.48 -3.48 -20.98
N VAL F 336 -11.93 -3.54 -19.74
CA VAL F 336 -11.05 -3.99 -18.66
C VAL F 336 -10.71 -5.47 -18.83
N ILE F 337 -11.68 -6.27 -19.30
CA ILE F 337 -11.38 -7.68 -19.55
C ILE F 337 -10.40 -7.82 -20.70
N CYS F 338 -10.50 -6.96 -21.72
CA CYS F 338 -9.52 -6.97 -22.79
C CYS F 338 -8.13 -6.64 -22.27
N ILE F 339 -8.04 -5.66 -21.37
CA ILE F 339 -6.74 -5.30 -20.79
C ILE F 339 -6.18 -6.45 -19.98
N VAL F 340 -7.04 -7.13 -19.21
CA VAL F 340 -6.59 -8.27 -18.42
C VAL F 340 -6.14 -9.40 -19.34
N VAL F 341 -6.81 -9.56 -20.48
CA VAL F 341 -6.39 -10.55 -21.47
C VAL F 341 -5.00 -10.23 -21.97
N SER F 342 -4.76 -8.96 -22.30
CA SER F 342 -3.45 -8.55 -22.80
C SER F 342 -2.37 -8.80 -21.74
N LYS F 343 -2.68 -8.50 -20.47
CA LYS F 343 -1.70 -8.69 -19.41
C LYS F 343 -1.42 -10.17 -19.17
N LEU F 344 -2.44 -11.02 -19.25
CA LEU F 344 -2.25 -12.44 -18.98
C LEU F 344 -1.54 -13.14 -20.13
N LYS F 345 -1.83 -12.75 -21.38
CA LYS F 345 -1.25 -13.43 -22.53
C LYS F 345 0.27 -13.27 -22.56
N ALA F 346 0.78 -12.06 -22.31
CA ALA F 346 2.20 -11.78 -22.44
C ALA F 346 3.00 -12.08 -21.19
N ASN F 347 2.35 -12.40 -20.07
CA ASN F 347 3.08 -12.67 -18.83
C ASN F 347 2.21 -13.46 -17.87
N ASP F 353 -3.86 -21.59 -14.74
CA ASP F 353 -3.90 -21.45 -16.19
C ASP F 353 -4.41 -20.06 -16.58
N ILE F 354 -4.16 -19.67 -17.84
CA ILE F 354 -4.60 -18.37 -18.32
C ILE F 354 -6.13 -18.28 -18.30
N LYS F 355 -6.79 -19.34 -18.78
CA LYS F 355 -8.25 -19.32 -18.85
C LYS F 355 -8.87 -19.32 -17.45
N CYS F 356 -8.28 -20.06 -16.51
CA CYS F 356 -8.81 -20.07 -15.15
C CYS F 356 -8.71 -18.70 -14.51
N ARG F 357 -7.58 -18.02 -14.69
CA ARG F 357 -7.42 -16.67 -14.14
C ARG F 357 -8.34 -15.68 -14.82
N LEU F 358 -8.55 -15.84 -16.14
CA LEU F 358 -9.48 -14.98 -16.85
C LEU F 358 -10.90 -15.15 -16.30
N ALA F 359 -11.31 -16.40 -16.08
CA ALA F 359 -12.64 -16.65 -15.52
C ALA F 359 -12.76 -16.10 -14.11
N LYS F 360 -11.70 -16.25 -13.31
CA LYS F 360 -11.75 -15.72 -11.95
C LYS F 360 -11.87 -14.20 -11.94
N SER F 361 -11.12 -13.52 -12.82
CA SER F 361 -11.17 -12.07 -12.84
C SER F 361 -12.49 -11.56 -13.41
N THR F 362 -13.07 -12.30 -14.35
CA THR F 362 -14.35 -11.89 -14.93
C THR F 362 -15.46 -11.93 -13.89
N LEU F 363 -15.52 -13.00 -13.10
CA LEU F 363 -16.59 -13.14 -12.12
C LEU F 363 -16.52 -12.05 -11.05
N THR F 364 -15.32 -11.76 -10.56
CA THR F 364 -15.18 -10.75 -9.50
C THR F 364 -15.48 -9.36 -10.01
N LEU F 365 -15.43 -9.14 -11.32
CA LEU F 365 -15.70 -7.82 -11.88
C LEU F 365 -17.18 -7.57 -12.12
N ILE F 366 -18.04 -8.57 -11.89
CA ILE F 366 -19.48 -8.39 -12.07
C ILE F 366 -20.10 -7.62 -10.91
N PRO F 367 -19.91 -8.02 -9.64
CA PRO F 367 -20.55 -7.26 -8.55
C PRO F 367 -20.12 -5.82 -8.46
N LEU F 368 -18.86 -5.51 -8.82
CA LEU F 368 -18.38 -4.14 -8.68
C LEU F 368 -18.96 -3.23 -9.74
N LEU F 369 -19.20 -3.75 -10.95
CA LEU F 369 -19.79 -2.97 -12.02
C LEU F 369 -21.26 -3.30 -12.26
N GLY F 370 -21.78 -4.35 -11.64
CA GLY F 370 -23.19 -4.70 -11.81
C GLY F 370 -23.57 -5.04 -13.24
N THR F 371 -22.73 -5.79 -13.94
CA THR F 371 -23.01 -6.13 -15.33
C THR F 371 -24.07 -7.21 -15.48
N HIS F 372 -24.52 -7.83 -14.39
CA HIS F 372 -25.54 -8.86 -14.48
C HIS F 372 -26.87 -8.28 -14.96
N GLU F 373 -27.07 -6.98 -14.81
CA GLU F 373 -28.30 -6.36 -15.30
C GLU F 373 -28.38 -6.39 -16.82
N VAL F 374 -27.22 -6.45 -17.50
CA VAL F 374 -27.20 -6.39 -18.96
C VAL F 374 -27.90 -7.60 -19.56
N ILE F 375 -27.89 -8.73 -18.86
CA ILE F 375 -28.52 -9.95 -19.38
C ILE F 375 -30.02 -9.73 -19.60
N PHE F 376 -30.64 -8.87 -18.78
CA PHE F 376 -32.05 -8.57 -18.93
C PHE F 376 -32.36 -7.08 -18.95
N ALA F 377 -31.39 -6.23 -19.30
CA ALA F 377 -31.61 -4.79 -19.26
C ALA F 377 -32.62 -4.35 -20.33
N PHE F 378 -32.43 -4.82 -21.56
CA PHE F 378 -33.26 -4.39 -22.67
C PHE F 378 -34.50 -5.26 -22.86
N VAL F 379 -34.76 -6.20 -21.96
CA VAL F 379 -36.04 -6.90 -21.95
C VAL F 379 -37.03 -5.99 -21.25
N MET F 380 -37.74 -5.17 -22.02
CA MET F 380 -38.52 -4.09 -21.46
C MET F 380 -39.74 -4.63 -20.70
N ASP F 381 -40.23 -3.79 -19.78
CA ASP F 381 -41.41 -4.15 -19.00
C ASP F 381 -42.67 -4.27 -19.87
N GLU F 382 -42.70 -3.57 -21.01
CA GLU F 382 -43.86 -3.62 -21.89
C GLU F 382 -44.07 -4.99 -22.52
N HIS F 383 -43.04 -5.83 -22.56
CA HIS F 383 -43.10 -7.10 -23.26
C HIS F 383 -42.92 -8.32 -22.36
N ALA F 384 -42.28 -8.18 -21.21
CA ALA F 384 -42.04 -9.31 -20.33
C ALA F 384 -43.34 -9.76 -19.68
N ARG F 385 -43.83 -10.93 -20.07
CA ARG F 385 -45.08 -11.48 -19.56
C ARG F 385 -44.88 -12.93 -19.19
N GLY F 386 -45.62 -13.35 -18.16
CA GLY F 386 -45.64 -14.76 -17.80
C GLY F 386 -44.29 -15.25 -17.29
N THR F 387 -43.83 -16.36 -17.88
CA THR F 387 -42.59 -16.99 -17.42
C THR F 387 -41.39 -16.10 -17.65
N LEU F 388 -41.36 -15.37 -18.77
CA LEU F 388 -40.26 -14.46 -19.04
C LEU F 388 -40.18 -13.36 -17.99
N ARG F 389 -41.34 -12.80 -17.63
CA ARG F 389 -41.37 -11.79 -16.56
C ARG F 389 -40.95 -12.39 -15.23
N PHE F 390 -41.37 -13.63 -14.95
CA PHE F 390 -40.94 -14.29 -13.72
C PHE F 390 -39.43 -14.42 -13.68
N ILE F 391 -38.83 -14.86 -14.79
CA ILE F 391 -37.38 -15.05 -14.82
C ILE F 391 -36.66 -13.72 -14.65
N LYS F 392 -37.13 -12.69 -15.35
CA LYS F 392 -36.51 -11.36 -15.23
C LYS F 392 -36.58 -10.86 -13.79
N LEU F 393 -37.78 -10.91 -13.18
CA LEU F 393 -37.94 -10.43 -11.82
C LEU F 393 -37.09 -11.24 -10.84
N PHE F 394 -37.09 -12.57 -10.99
CA PHE F 394 -36.33 -13.41 -10.09
C PHE F 394 -34.84 -13.09 -10.16
N THR F 395 -34.30 -13.03 -11.38
CA THR F 395 -32.87 -12.75 -11.54
C THR F 395 -32.51 -11.39 -10.97
N GLU F 396 -33.27 -10.35 -11.35
CA GLU F 396 -32.90 -9.01 -10.96
C GLU F 396 -33.09 -8.79 -9.46
N LEU F 397 -34.12 -9.40 -8.88
CA LEU F 397 -34.32 -9.26 -7.44
C LEU F 397 -33.25 -10.01 -6.65
N SER F 398 -33.00 -11.27 -7.01
CA SER F 398 -32.10 -12.09 -6.21
C SER F 398 -30.66 -11.63 -6.35
N PHE F 399 -30.21 -11.39 -7.58
CA PHE F 399 -28.80 -11.04 -7.79
C PHE F 399 -28.48 -9.66 -7.23
N THR F 400 -29.37 -8.68 -7.45
CA THR F 400 -29.12 -7.33 -6.96
C THR F 400 -29.14 -7.30 -5.44
N SER F 401 -30.06 -8.03 -4.81
CA SER F 401 -30.15 -8.03 -3.35
C SER F 401 -28.87 -8.56 -2.73
N PHE F 402 -28.32 -9.64 -3.30
CA PHE F 402 -27.06 -10.19 -2.81
C PHE F 402 -25.84 -9.50 -3.41
N GLN F 403 -26.03 -8.58 -4.37
CA GLN F 403 -24.88 -7.90 -4.98
C GLN F 403 -24.09 -7.13 -3.93
N GLY F 404 -24.79 -6.45 -3.02
CA GLY F 404 -24.10 -5.76 -1.95
C GLY F 404 -23.31 -6.70 -1.07
N LEU F 405 -23.86 -7.89 -0.80
CA LEU F 405 -23.15 -8.88 0.00
C LEU F 405 -21.85 -9.30 -0.67
N MET F 406 -21.90 -9.61 -1.96
CA MET F 406 -20.70 -10.04 -2.67
C MET F 406 -19.68 -8.91 -2.77
N VAL F 407 -20.15 -7.68 -3.03
CA VAL F 407 -19.24 -6.54 -3.07
C VAL F 407 -18.53 -6.38 -1.74
N ALA F 408 -19.30 -6.41 -0.65
CA ALA F 408 -18.72 -6.26 0.69
C ALA F 408 -17.69 -7.35 0.96
N ILE F 409 -18.05 -8.61 0.71
CA ILE F 409 -17.13 -9.71 1.00
C ILE F 409 -15.86 -9.58 0.17
N LEU F 410 -16.01 -9.40 -1.15
CA LEU F 410 -14.86 -9.39 -2.03
C LEU F 410 -13.92 -8.24 -1.73
N TYR F 411 -14.47 -7.04 -1.50
CA TYR F 411 -13.62 -5.86 -1.38
C TYR F 411 -13.31 -5.46 0.06
N CYS F 412 -13.84 -6.16 1.05
CA CYS F 412 -13.42 -5.96 2.43
C CYS F 412 -12.88 -7.21 3.09
N PHE F 413 -13.63 -8.31 3.06
CA PHE F 413 -13.30 -9.46 3.90
C PHE F 413 -12.13 -10.24 3.33
N VAL F 414 -12.22 -10.64 2.05
CA VAL F 414 -11.19 -11.46 1.43
C VAL F 414 -10.11 -10.62 0.75
N ASN F 415 -10.24 -9.30 0.75
CA ASN F 415 -9.19 -8.46 0.19
C ASN F 415 -7.90 -8.65 0.99
N ASN F 416 -6.79 -8.82 0.27
CA ASN F 416 -5.52 -9.12 0.94
C ASN F 416 -5.08 -7.99 1.84
N GLU F 417 -5.26 -6.74 1.39
CA GLU F 417 -4.83 -5.59 2.20
C GLU F 417 -5.57 -5.56 3.52
N VAL F 418 -6.89 -5.77 3.50
CA VAL F 418 -7.67 -5.72 4.73
C VAL F 418 -7.33 -6.89 5.64
N GLN F 419 -7.13 -8.08 5.06
CA GLN F 419 -6.75 -9.23 5.89
C GLN F 419 -5.39 -9.00 6.56
N LEU F 420 -4.42 -8.47 5.81
CA LEU F 420 -3.12 -8.18 6.41
C LEU F 420 -3.25 -7.09 7.48
N GLU F 421 -4.10 -6.09 7.25
CA GLU F 421 -4.33 -5.08 8.26
C GLU F 421 -4.93 -5.68 9.53
N PHE F 422 -5.89 -6.60 9.37
CA PHE F 422 -6.47 -7.28 10.52
C PHE F 422 -5.42 -8.07 11.28
N ARG F 423 -4.58 -8.82 10.55
CA ARG F 423 -3.55 -9.63 11.19
C ARG F 423 -2.55 -8.76 11.94
N LYS F 424 -2.10 -7.67 11.31
CA LYS F 424 -1.12 -6.81 11.96
C LYS F 424 -1.73 -6.06 13.14
N SER F 425 -3.00 -5.68 13.04
CA SER F 425 -3.66 -5.02 14.16
C SER F 425 -3.83 -5.98 15.33
N TRP F 426 -4.18 -7.23 15.05
CA TRP F 426 -4.28 -8.22 16.11
C TRP F 426 -2.92 -8.47 16.76
N GLU F 427 -1.86 -8.54 15.95
CA GLU F 427 -0.52 -8.73 16.49
C GLU F 427 -0.11 -7.55 17.37
N ARG F 428 -0.40 -6.33 16.93
CA ARG F 428 -0.07 -5.15 17.71
C ARG F 428 -0.87 -5.10 19.01
N TRP F 429 -2.16 -5.49 18.94
CA TRP F 429 -2.96 -5.59 20.15
C TRP F 429 -2.41 -6.64 21.10
N ARG F 430 -1.79 -7.69 20.55
CA ARG F 430 -1.09 -8.66 21.39
C ARG F 430 0.32 -8.23 21.75
N LEU F 431 0.84 -7.17 21.12
CA LEU F 431 2.09 -6.56 21.53
C LEU F 431 1.92 -5.48 22.58
N GLU F 432 0.68 -5.21 22.99
CA GLU F 432 0.40 -4.18 23.98
C GLU F 432 0.42 -4.77 25.39
#